data_2IGR
#
_entry.id   2IGR
#
_entity_poly.entity_id   1
_entity_poly.type   'polypeptide(L)'
_entity_poly.pdbx_seq_one_letter_code
;KWKVFKKIEKKWKVFKKIEKAGPKWKVFKKIEK(NH2)
;
_entity_poly.pdbx_strand_id   A
#
# COMPACT_ATOMS: atom_id res chain seq x y z
N LYS A 1 -13.94 2.75 17.82
CA LYS A 1 -14.76 1.92 16.88
C LYS A 1 -13.84 0.91 16.18
N TRP A 2 -14.01 -0.36 16.47
CA TRP A 2 -13.16 -1.39 15.83
C TRP A 2 -13.46 -1.44 14.33
N LYS A 3 -14.54 -0.82 13.92
CA LYS A 3 -14.90 -0.83 12.47
C LYS A 3 -13.85 -0.06 11.67
N VAL A 4 -13.18 0.85 12.32
CA VAL A 4 -12.13 1.65 11.61
C VAL A 4 -11.01 0.72 11.14
N PHE A 5 -10.76 -0.31 11.89
CA PHE A 5 -9.68 -1.26 11.50
C PHE A 5 -9.96 -1.82 10.11
N LYS A 6 -11.20 -1.91 9.74
CA LYS A 6 -11.54 -2.43 8.39
C LYS A 6 -10.83 -1.59 7.34
N LYS A 7 -10.75 -0.31 7.56
CA LYS A 7 -10.05 0.56 6.59
C LYS A 7 -8.56 0.25 6.65
N ILE A 8 -8.10 -0.13 7.80
CA ILE A 8 -6.67 -0.48 7.95
C ILE A 8 -6.45 -1.84 7.29
N GLU A 9 -7.43 -2.68 7.37
CA GLU A 9 -7.32 -4.03 6.75
C GLU A 9 -7.23 -3.89 5.24
N LYS A 10 -8.10 -3.11 4.67
CA LYS A 10 -8.08 -2.92 3.19
C LYS A 10 -6.90 -2.03 2.81
N LYS A 11 -6.36 -1.31 3.76
CA LYS A 11 -5.19 -0.44 3.45
C LYS A 11 -3.94 -1.29 3.27
N TRP A 12 -3.90 -2.41 3.93
CA TRP A 12 -2.71 -3.30 3.81
C TRP A 12 -2.87 -4.18 2.57
N LYS A 13 -3.94 -4.91 2.49
CA LYS A 13 -4.17 -5.80 1.32
C LYS A 13 -4.17 -4.96 0.04
N VAL A 14 -4.49 -3.70 0.16
CA VAL A 14 -4.50 -2.82 -1.04
C VAL A 14 -3.10 -2.28 -1.29
N PHE A 15 -2.36 -2.05 -0.24
CA PHE A 15 -0.98 -1.52 -0.41
C PHE A 15 -0.10 -2.58 -1.07
N LYS A 16 -0.33 -3.81 -0.75
CA LYS A 16 0.48 -4.90 -1.36
C LYS A 16 0.22 -4.95 -2.86
N LYS A 17 -0.90 -4.45 -3.28
CA LYS A 17 -1.23 -4.46 -4.74
C LYS A 17 -0.30 -3.48 -5.47
N ILE A 18 -0.03 -2.37 -4.88
CA ILE A 18 0.88 -1.38 -5.54
C ILE A 18 2.32 -1.86 -5.44
N GLU A 19 2.62 -2.61 -4.43
CA GLU A 19 4.02 -3.12 -4.30
C GLU A 19 4.44 -3.74 -5.62
N LYS A 20 3.58 -4.51 -6.20
CA LYS A 20 3.89 -5.16 -7.50
C LYS A 20 3.85 -4.11 -8.61
N ALA A 21 3.17 -3.02 -8.37
CA ALA A 21 3.08 -1.95 -9.39
C ALA A 21 4.13 -0.88 -9.08
N GLY A 22 4.77 -0.98 -7.95
CA GLY A 22 5.81 0.04 -7.60
C GLY A 22 5.96 0.12 -6.08
N PRO A 23 6.84 -0.70 -5.56
CA PRO A 23 7.11 -0.76 -4.11
C PRO A 23 8.04 0.39 -3.69
N LYS A 24 7.77 1.59 -4.15
CA LYS A 24 8.63 2.74 -3.78
C LYS A 24 8.44 3.06 -2.29
N TRP A 25 7.47 2.46 -1.67
CA TRP A 25 7.22 2.72 -0.23
C TRP A 25 8.09 1.78 0.63
N LYS A 26 8.79 0.87 0.00
CA LYS A 26 9.64 -0.08 0.77
C LYS A 26 11.09 0.05 0.29
N VAL A 27 11.31 0.72 -0.81
CA VAL A 27 12.70 0.87 -1.31
C VAL A 27 13.51 1.74 -0.35
N PHE A 28 12.86 2.67 0.28
CA PHE A 28 13.58 3.57 1.24
C PHE A 28 14.01 2.75 2.46
N LYS A 29 13.30 1.71 2.76
CA LYS A 29 13.66 0.86 3.94
C LYS A 29 14.83 -0.04 3.58
N LYS A 30 15.02 -0.32 2.32
CA LYS A 30 16.15 -1.20 1.90
C LYS A 30 17.47 -0.62 2.38
N ILE A 31 17.55 0.67 2.48
CA ILE A 31 18.82 1.31 2.95
C ILE A 31 19.06 0.97 4.41
N GLU A 32 18.01 0.89 5.18
CA GLU A 32 18.17 0.57 6.63
C GLU A 32 18.69 -0.87 6.77
N LYS A 33 18.38 -1.71 5.83
CA LYS A 33 18.85 -3.12 5.91
C LYS A 33 20.21 -3.24 5.24
N LYS A 1 -14.64 4.46 16.55
CA LYS A 1 -15.39 3.55 15.62
C LYS A 1 -14.52 2.35 15.28
N TRP A 2 -14.94 1.17 15.68
CA TRP A 2 -14.13 -0.04 15.36
C TRP A 2 -14.19 -0.33 13.86
N LYS A 3 -15.11 0.28 13.17
CA LYS A 3 -15.22 0.05 11.70
C LYS A 3 -13.99 0.62 11.00
N VAL A 4 -13.35 1.58 11.61
CA VAL A 4 -12.14 2.19 10.99
C VAL A 4 -11.09 1.10 10.75
N PHE A 5 -11.07 0.10 11.59
CA PHE A 5 -10.08 -0.99 11.42
C PHE A 5 -10.26 -1.65 10.05
N LYS A 6 -11.46 -1.63 9.55
CA LYS A 6 -11.69 -2.23 8.21
C LYS A 6 -10.82 -1.53 7.19
N LYS A 7 -10.65 -0.25 7.33
CA LYS A 7 -9.80 0.50 6.39
C LYS A 7 -8.36 0.08 6.62
N ILE A 8 -8.04 -0.25 7.82
CA ILE A 8 -6.65 -0.69 8.14
C ILE A 8 -6.49 -2.10 7.59
N GLU A 9 -7.54 -2.86 7.62
CA GLU A 9 -7.48 -4.25 7.11
C GLU A 9 -7.26 -4.23 5.60
N LYS A 10 -7.99 -3.42 4.91
CA LYS A 10 -7.83 -3.33 3.43
C LYS A 10 -6.62 -2.44 3.11
N LYS A 11 -6.19 -1.66 4.04
CA LYS A 11 -5.02 -0.77 3.80
C LYS A 11 -3.77 -1.62 3.57
N TRP A 12 -3.73 -2.79 4.14
CA TRP A 12 -2.55 -3.67 3.94
C TRP A 12 -2.71 -4.47 2.65
N LYS A 13 -3.78 -5.21 2.55
CA LYS A 13 -4.02 -6.01 1.31
C LYS A 13 -4.05 -5.09 0.10
N VAL A 14 -4.37 -3.84 0.32
CA VAL A 14 -4.42 -2.87 -0.82
C VAL A 14 -3.03 -2.31 -1.08
N PHE A 15 -2.26 -2.15 -0.04
CA PHE A 15 -0.88 -1.60 -0.20
C PHE A 15 -0.03 -2.61 -0.97
N LYS A 16 -0.23 -3.87 -0.72
CA LYS A 16 0.55 -4.91 -1.44
C LYS A 16 0.27 -4.83 -2.94
N LYS A 17 -0.87 -4.29 -3.30
CA LYS A 17 -1.21 -4.19 -4.74
C LYS A 17 -0.28 -3.18 -5.42
N ILE A 18 0.09 -2.15 -4.71
CA ILE A 18 1.00 -1.13 -5.31
C ILE A 18 2.40 -1.72 -5.45
N GLU A 19 2.81 -2.51 -4.50
CA GLU A 19 4.17 -3.11 -4.59
C GLU A 19 4.32 -3.74 -5.97
N LYS A 20 3.29 -4.38 -6.44
CA LYS A 20 3.36 -5.01 -7.80
C LYS A 20 3.37 -3.92 -8.86
N ALA A 21 2.84 -2.77 -8.53
CA ALA A 21 2.82 -1.66 -9.51
C ALA A 21 4.00 -0.71 -9.23
N GLY A 22 4.69 -0.93 -8.14
CA GLY A 22 5.84 -0.06 -7.80
C GLY A 22 5.34 1.18 -7.04
N PRO A 23 6.24 1.81 -6.33
CA PRO A 23 5.93 3.02 -5.54
C PRO A 23 5.84 4.24 -6.44
N LYS A 24 6.00 4.05 -7.73
CA LYS A 24 5.92 5.22 -8.67
C LYS A 24 4.52 5.81 -8.62
N TRP A 25 3.58 5.12 -8.02
CA TRP A 25 2.19 5.65 -7.94
C TRP A 25 2.07 6.58 -6.73
N LYS A 26 3.04 6.58 -5.86
CA LYS A 26 2.97 7.46 -4.67
C LYS A 26 3.45 8.86 -5.05
N VAL A 27 4.16 8.98 -6.14
CA VAL A 27 4.66 10.31 -6.57
C VAL A 27 3.53 11.09 -7.25
N PHE A 28 2.66 10.39 -7.91
CA PHE A 28 1.52 11.07 -8.60
C PHE A 28 0.64 11.76 -7.55
N LYS A 29 0.62 11.25 -6.36
CA LYS A 29 -0.22 11.87 -5.30
C LYS A 29 0.49 13.12 -4.75
N LYS A 30 1.78 13.18 -4.89
CA LYS A 30 2.53 14.37 -4.39
C LYS A 30 1.98 15.63 -5.05
N ILE A 31 1.51 15.51 -6.26
CA ILE A 31 0.96 16.70 -6.96
C ILE A 31 -0.30 17.19 -6.25
N GLU A 32 -1.07 16.28 -5.74
CA GLU A 32 -2.32 16.68 -5.02
C GLU A 32 -1.96 17.49 -3.78
N LYS A 33 -0.81 17.26 -3.23
CA LYS A 33 -0.39 18.03 -2.02
C LYS A 33 0.12 19.40 -2.44
N LYS A 1 -16.30 4.12 16.14
CA LYS A 1 -16.64 3.26 14.98
C LYS A 1 -15.53 2.24 14.76
N TRP A 2 -15.77 1.00 15.10
CA TRP A 2 -14.72 -0.04 14.89
C TRP A 2 -14.53 -0.30 13.40
N LYS A 3 -15.41 0.24 12.58
CA LYS A 3 -15.27 0.02 11.11
C LYS A 3 -13.97 0.63 10.62
N VAL A 4 -13.46 1.60 11.32
CA VAL A 4 -12.17 2.24 10.90
C VAL A 4 -11.10 1.17 10.73
N PHE A 5 -11.16 0.14 11.53
CA PHE A 5 -10.15 -0.96 11.42
C PHE A 5 -10.29 -1.65 10.07
N LYS A 6 -11.48 -1.66 9.54
CA LYS A 6 -11.69 -2.33 8.23
C LYS A 6 -10.87 -1.59 7.18
N LYS A 7 -10.75 -0.31 7.32
CA LYS A 7 -9.94 0.47 6.34
C LYS A 7 -8.48 0.11 6.55
N ILE A 8 -8.13 -0.19 7.77
CA ILE A 8 -6.73 -0.59 8.07
C ILE A 8 -6.54 -2.00 7.55
N GLU A 9 -7.57 -2.78 7.62
CA GLU A 9 -7.48 -4.20 7.14
C GLU A 9 -7.28 -4.19 5.63
N LYS A 10 -7.97 -3.32 4.95
CA LYS A 10 -7.83 -3.25 3.47
C LYS A 10 -6.60 -2.40 3.11
N LYS A 11 -6.14 -1.60 4.04
CA LYS A 11 -4.95 -0.76 3.76
C LYS A 11 -3.73 -1.65 3.54
N TRP A 12 -3.72 -2.81 4.15
CA TRP A 12 -2.57 -3.73 3.99
C TRP A 12 -2.73 -4.51 2.69
N LYS A 13 -3.84 -5.16 2.52
CA LYS A 13 -4.06 -5.95 1.27
C LYS A 13 -3.94 -5.03 0.06
N VAL A 14 -4.24 -3.78 0.22
CA VAL A 14 -4.14 -2.83 -0.92
C VAL A 14 -2.69 -2.35 -1.04
N PHE A 15 -2.02 -2.24 0.07
CA PHE A 15 -0.60 -1.79 0.04
C PHE A 15 0.24 -2.80 -0.72
N LYS A 16 -0.06 -4.06 -0.57
CA LYS A 16 0.71 -5.10 -1.29
C LYS A 16 0.41 -5.00 -2.79
N LYS A 17 -0.71 -4.44 -3.13
CA LYS A 17 -1.06 -4.31 -4.57
C LYS A 17 -0.16 -3.26 -5.22
N ILE A 18 0.19 -2.25 -4.48
CA ILE A 18 1.07 -1.19 -5.03
C ILE A 18 2.43 -1.79 -5.37
N GLU A 19 2.90 -2.68 -4.56
CA GLU A 19 4.22 -3.30 -4.85
C GLU A 19 4.22 -3.80 -6.29
N LYS A 20 3.12 -4.36 -6.72
CA LYS A 20 3.03 -4.86 -8.12
C LYS A 20 2.98 -3.66 -9.06
N ALA A 21 2.52 -2.54 -8.58
CA ALA A 21 2.46 -1.33 -9.44
C ALA A 21 3.69 -0.46 -9.19
N GLY A 22 4.47 -0.80 -8.19
CA GLY A 22 5.68 0.01 -7.89
C GLY A 22 6.53 0.14 -9.16
N PRO A 23 7.56 0.96 -9.07
CA PRO A 23 8.48 1.20 -10.19
C PRO A 23 9.45 0.03 -10.32
N LYS A 24 9.43 -0.89 -9.39
CA LYS A 24 10.34 -2.06 -9.46
C LYS A 24 9.98 -2.92 -10.67
N TRP A 25 8.85 -2.65 -11.28
CA TRP A 25 8.44 -3.45 -12.45
C TRP A 25 8.99 -2.83 -13.73
N LYS A 26 9.47 -1.61 -13.64
CA LYS A 26 10.03 -0.94 -14.85
C LYS A 26 11.54 -0.79 -14.68
N VAL A 27 12.06 -1.04 -13.51
CA VAL A 27 13.52 -0.91 -13.28
C VAL A 27 14.26 -1.96 -14.10
N PHE A 28 13.66 -3.10 -14.27
CA PHE A 28 14.32 -4.18 -15.07
C PHE A 28 14.22 -3.85 -16.56
N LYS A 29 13.19 -3.16 -16.94
CA LYS A 29 13.03 -2.79 -18.38
C LYS A 29 13.93 -1.61 -18.71
N LYS A 30 14.29 -0.83 -17.72
CA LYS A 30 15.17 0.34 -17.97
C LYS A 30 16.49 -0.14 -18.58
N ILE A 31 16.90 -1.32 -18.25
CA ILE A 31 18.18 -1.86 -18.81
C ILE A 31 18.00 -2.12 -20.30
N GLU A 32 16.85 -2.60 -20.69
CA GLU A 32 16.61 -2.88 -22.13
C GLU A 32 16.74 -1.59 -22.93
N LYS A 33 16.46 -0.48 -22.32
CA LYS A 33 16.57 0.82 -23.04
C LYS A 33 18.01 1.30 -23.01
N LYS A 1 -13.60 1.43 18.10
CA LYS A 1 -14.48 0.71 17.12
C LYS A 1 -13.61 -0.14 16.20
N TRP A 2 -13.59 -1.43 16.40
CA TRP A 2 -12.77 -2.31 15.53
C TRP A 2 -13.16 -2.10 14.07
N LYS A 3 -14.32 -1.54 13.84
CA LYS A 3 -14.76 -1.30 12.44
C LYS A 3 -13.70 -0.50 11.70
N VAL A 4 -13.27 0.59 12.27
CA VAL A 4 -12.24 1.43 11.62
C VAL A 4 -11.08 0.55 11.17
N PHE A 5 -10.82 -0.50 11.90
CA PHE A 5 -9.70 -1.41 11.52
C PHE A 5 -9.93 -1.97 10.12
N LYS A 6 -11.16 -2.08 9.72
CA LYS A 6 -11.46 -2.60 8.36
C LYS A 6 -10.76 -1.72 7.33
N LYS A 7 -10.73 -0.45 7.57
CA LYS A 7 -10.06 0.47 6.62
C LYS A 7 -8.56 0.21 6.69
N ILE A 8 -8.10 -0.16 7.85
CA ILE A 8 -6.65 -0.46 8.00
C ILE A 8 -6.38 -1.79 7.35
N GLU A 9 -7.33 -2.67 7.40
CA GLU A 9 -7.17 -4.01 6.78
C GLU A 9 -7.08 -3.87 5.27
N LYS A 10 -7.94 -3.08 4.70
CA LYS A 10 -7.93 -2.88 3.22
C LYS A 10 -6.78 -1.95 2.84
N LYS A 11 -6.27 -1.20 3.78
CA LYS A 11 -5.13 -0.28 3.47
C LYS A 11 -3.87 -1.10 3.23
N TRP A 12 -3.78 -2.25 3.84
CA TRP A 12 -2.58 -3.10 3.65
C TRP A 12 -2.82 -4.00 2.43
N LYS A 13 -3.91 -4.69 2.41
CA LYS A 13 -4.21 -5.59 1.26
C LYS A 13 -4.25 -4.75 -0.02
N VAL A 14 -4.54 -3.49 0.11
CA VAL A 14 -4.58 -2.61 -1.08
C VAL A 14 -3.17 -2.09 -1.36
N PHE A 15 -2.41 -1.87 -0.32
CA PHE A 15 -1.02 -1.37 -0.51
C PHE A 15 -0.17 -2.45 -1.18
N LYS A 16 -0.42 -3.69 -0.83
CA LYS A 16 0.36 -4.79 -1.44
C LYS A 16 0.08 -4.83 -2.94
N LYS A 17 -1.03 -4.29 -3.36
CA LYS A 17 -1.37 -4.29 -4.81
C LYS A 17 -0.39 -3.39 -5.55
N ILE A 18 -0.11 -2.24 -5.01
CA ILE A 18 0.85 -1.31 -5.66
C ILE A 18 2.27 -1.82 -5.46
N GLU A 19 2.50 -2.55 -4.41
CA GLU A 19 3.86 -3.07 -4.16
C GLU A 19 4.30 -3.87 -5.39
N LYS A 20 3.40 -4.64 -5.94
CA LYS A 20 3.74 -5.44 -7.15
C LYS A 20 3.89 -4.51 -8.34
N ALA A 21 3.27 -3.36 -8.28
CA ALA A 21 3.38 -2.39 -9.40
C ALA A 21 4.45 -1.35 -9.06
N GLY A 22 4.95 -1.37 -7.85
CA GLY A 22 6.00 -0.39 -7.47
C GLY A 22 5.60 1.01 -7.93
N PRO A 23 4.97 1.75 -7.05
CA PRO A 23 4.52 3.12 -7.34
C PRO A 23 5.69 4.09 -7.28
N LYS A 24 6.84 3.63 -6.88
CA LYS A 24 8.03 4.53 -6.81
C LYS A 24 8.39 5.01 -8.22
N TRP A 25 7.81 4.41 -9.22
CA TRP A 25 8.13 4.83 -10.61
C TRP A 25 7.34 6.10 -10.95
N LYS A 26 6.36 6.43 -10.15
CA LYS A 26 5.54 7.65 -10.42
C LYS A 26 5.75 8.65 -9.28
N VAL A 27 6.31 8.22 -8.19
CA VAL A 27 6.54 9.14 -7.04
C VAL A 27 7.49 10.26 -7.49
N PHE A 28 8.40 9.96 -8.35
CA PHE A 28 9.37 10.99 -8.83
C PHE A 28 8.61 12.07 -9.62
N LYS A 29 7.52 11.70 -10.23
CA LYS A 29 6.74 12.69 -11.01
C LYS A 29 5.93 13.58 -10.07
N LYS A 30 5.61 13.07 -8.90
CA LYS A 30 4.83 13.88 -7.93
C LYS A 30 5.63 15.13 -7.55
N ILE A 31 6.93 15.02 -7.57
CA ILE A 31 7.78 16.19 -7.23
C ILE A 31 7.59 17.28 -8.28
N GLU A 32 7.45 16.90 -9.50
CA GLU A 32 7.26 17.91 -10.59
C GLU A 32 5.90 18.58 -10.44
N LYS A 33 4.95 17.89 -9.87
CA LYS A 33 3.60 18.48 -9.67
C LYS A 33 3.26 18.50 -8.19
N LYS A 1 -14.34 2.01 18.03
CA LYS A 1 -15.01 1.27 16.91
C LYS A 1 -14.01 0.35 16.22
N TRP A 2 -14.16 -0.94 16.40
CA TRP A 2 -13.21 -1.89 15.75
C TRP A 2 -13.42 -1.88 14.24
N LYS A 3 -14.51 -1.31 13.78
CA LYS A 3 -14.78 -1.28 12.32
C LYS A 3 -13.74 -0.38 11.64
N VAL A 4 -13.18 0.54 12.37
CA VAL A 4 -12.16 1.44 11.77
C VAL A 4 -10.99 0.61 11.25
N PHE A 5 -10.71 -0.49 11.88
CA PHE A 5 -9.58 -1.35 11.42
C PHE A 5 -9.88 -1.86 10.01
N LYS A 6 -11.12 -2.00 9.67
CA LYS A 6 -11.46 -2.49 8.31
C LYS A 6 -10.82 -1.57 7.28
N LYS A 7 -10.81 -0.30 7.55
CA LYS A 7 -10.18 0.65 6.60
C LYS A 7 -8.67 0.42 6.62
N ILE A 8 -8.17 0.02 7.74
CA ILE A 8 -6.72 -0.27 7.86
C ILE A 8 -6.45 -1.58 7.15
N GLU A 9 -7.39 -2.47 7.20
CA GLU A 9 -7.23 -3.79 6.53
C GLU A 9 -7.17 -3.59 5.02
N LYS A 10 -8.08 -2.82 4.50
CA LYS A 10 -8.09 -2.57 3.03
C LYS A 10 -6.83 -1.79 2.65
N LYS A 11 -6.25 -1.11 3.59
CA LYS A 11 -5.02 -0.32 3.30
C LYS A 11 -3.82 -1.28 3.21
N TRP A 12 -3.90 -2.37 3.89
CA TRP A 12 -2.77 -3.35 3.86
C TRP A 12 -2.92 -4.26 2.64
N LYS A 13 -4.04 -4.91 2.54
CA LYS A 13 -4.25 -5.83 1.38
C LYS A 13 -4.14 -5.02 0.08
N VAL A 14 -4.37 -3.75 0.14
CA VAL A 14 -4.26 -2.92 -1.08
C VAL A 14 -2.82 -2.47 -1.26
N PHE A 15 -2.13 -2.25 -0.18
CA PHE A 15 -0.72 -1.81 -0.27
C PHE A 15 0.10 -2.88 -0.97
N LYS A 16 -0.21 -4.13 -0.73
CA LYS A 16 0.55 -5.22 -1.40
C LYS A 16 0.27 -5.21 -2.90
N LYS A 17 -0.89 -4.77 -3.27
CA LYS A 17 -1.24 -4.73 -4.72
C LYS A 17 -0.42 -3.63 -5.40
N ILE A 18 -0.19 -2.56 -4.72
CA ILE A 18 0.60 -1.44 -5.30
C ILE A 18 2.08 -1.81 -5.31
N GLU A 19 2.52 -2.47 -4.29
CA GLU A 19 3.96 -2.86 -4.25
C GLU A 19 4.33 -3.53 -5.56
N LYS A 20 3.45 -4.34 -6.08
CA LYS A 20 3.74 -5.02 -7.37
C LYS A 20 3.73 -3.98 -8.49
N ALA A 21 3.00 -2.92 -8.31
CA ALA A 21 2.95 -1.85 -9.35
C ALA A 21 3.92 -0.73 -8.97
N GLY A 22 4.48 -0.79 -7.80
CA GLY A 22 5.44 0.27 -7.37
C GLY A 22 6.76 0.11 -8.12
N PRO A 23 7.08 1.07 -8.96
CA PRO A 23 8.32 1.06 -9.75
C PRO A 23 9.50 1.51 -8.88
N LYS A 24 9.61 0.98 -7.69
CA LYS A 24 10.73 1.37 -6.79
C LYS A 24 12.05 0.90 -7.41
N TRP A 25 12.00 0.10 -8.43
CA TRP A 25 13.25 -0.38 -9.07
C TRP A 25 13.73 0.64 -10.11
N LYS A 26 12.90 1.58 -10.44
CA LYS A 26 13.30 2.60 -11.44
C LYS A 26 13.22 4.00 -10.80
N VAL A 27 12.57 4.10 -9.68
CA VAL A 27 12.46 5.43 -9.01
C VAL A 27 13.79 5.81 -8.38
N PHE A 28 14.53 4.83 -7.94
CA PHE A 28 15.85 5.11 -7.31
C PHE A 28 16.77 5.79 -8.32
N LYS A 29 16.56 5.52 -9.58
CA LYS A 29 17.42 6.14 -10.63
C LYS A 29 16.97 7.58 -10.88
N LYS A 30 15.74 7.88 -10.56
CA LYS A 30 15.23 9.27 -10.77
C LYS A 30 16.11 10.27 -10.01
N ILE A 31 16.66 9.85 -8.91
CA ILE A 31 17.53 10.77 -8.13
C ILE A 31 18.81 11.08 -8.90
N GLU A 32 19.32 10.11 -9.60
CA GLU A 32 20.57 10.34 -10.39
C GLU A 32 20.31 11.39 -11.45
N LYS A 33 19.09 11.49 -11.92
CA LYS A 33 18.76 12.51 -12.96
C LYS A 33 18.81 13.91 -12.35
N LYS A 1 -14.97 2.05 17.80
CA LYS A 1 -15.51 1.04 16.84
C LYS A 1 -14.36 0.22 16.26
N TRP A 2 -14.36 -1.06 16.50
CA TRP A 2 -13.26 -1.91 15.96
C TRP A 2 -13.41 -2.02 14.44
N LYS A 3 -14.50 -1.59 13.90
CA LYS A 3 -14.71 -1.67 12.43
C LYS A 3 -13.72 -0.73 11.74
N VAL A 4 -13.26 0.28 12.43
CA VAL A 4 -12.29 1.22 11.81
C VAL A 4 -11.07 0.44 11.30
N PHE A 5 -10.75 -0.63 11.95
CA PHE A 5 -9.58 -1.44 11.50
C PHE A 5 -9.83 -1.97 10.09
N LYS A 6 -11.07 -2.17 9.75
CA LYS A 6 -11.37 -2.68 8.38
C LYS A 6 -10.78 -1.72 7.36
N LYS A 7 -10.83 -0.45 7.63
CA LYS A 7 -10.25 0.53 6.67
C LYS A 7 -8.75 0.37 6.69
N ILE A 8 -8.21 0.00 7.81
CA ILE A 8 -6.75 -0.22 7.90
C ILE A 8 -6.42 -1.54 7.21
N GLU A 9 -7.33 -2.46 7.28
CA GLU A 9 -7.12 -3.77 6.63
C GLU A 9 -7.10 -3.59 5.11
N LYS A 10 -8.00 -2.79 4.60
CA LYS A 10 -8.04 -2.55 3.14
C LYS A 10 -6.83 -1.71 2.73
N LYS A 11 -6.26 -1.00 3.66
CA LYS A 11 -5.07 -0.17 3.33
C LYS A 11 -3.85 -1.07 3.18
N TRP A 12 -3.85 -2.17 3.87
CA TRP A 12 -2.69 -3.11 3.78
C TRP A 12 -2.89 -4.02 2.57
N LYS A 13 -4.00 -4.70 2.52
CA LYS A 13 -4.26 -5.62 1.37
C LYS A 13 -4.23 -4.82 0.07
N VAL A 14 -4.50 -3.54 0.14
CA VAL A 14 -4.47 -2.71 -1.09
C VAL A 14 -3.04 -2.25 -1.35
N PHE A 15 -2.29 -2.03 -0.31
CA PHE A 15 -0.89 -1.58 -0.48
C PHE A 15 -0.08 -2.70 -1.14
N LYS A 16 -0.37 -3.91 -0.80
CA LYS A 16 0.37 -5.06 -1.40
C LYS A 16 0.10 -5.10 -2.90
N LYS A 17 -1.00 -4.53 -3.33
CA LYS A 17 -1.33 -4.53 -4.78
C LYS A 17 -0.36 -3.60 -5.51
N ILE A 18 -0.15 -2.43 -4.99
CA ILE A 18 0.78 -1.46 -5.63
C ILE A 18 2.21 -1.94 -5.43
N GLU A 19 2.47 -2.68 -4.40
CA GLU A 19 3.85 -3.17 -4.17
C GLU A 19 4.34 -3.82 -5.45
N LYS A 20 3.53 -4.62 -6.07
CA LYS A 20 3.93 -5.28 -7.33
C LYS A 20 3.97 -4.24 -8.46
N ALA A 21 3.27 -3.16 -8.29
CA ALA A 21 3.26 -2.10 -9.34
C ALA A 21 4.28 -1.01 -8.96
N GLY A 22 4.83 -1.09 -7.78
CA GLY A 22 5.83 -0.07 -7.36
C GLY A 22 6.30 -0.38 -5.94
N PRO A 23 7.04 -1.44 -5.81
CA PRO A 23 7.58 -1.87 -4.50
C PRO A 23 8.79 -1.03 -4.12
N LYS A 24 9.33 -0.29 -5.05
CA LYS A 24 10.51 0.56 -4.73
C LYS A 24 10.12 1.64 -3.73
N TRP A 25 8.84 1.79 -3.47
CA TRP A 25 8.38 2.84 -2.52
C TRP A 25 8.41 2.27 -1.10
N LYS A 26 8.63 0.98 -0.97
CA LYS A 26 8.68 0.37 0.39
C LYS A 26 10.04 -0.28 0.62
N VAL A 27 10.90 -0.25 -0.36
CA VAL A 27 12.25 -0.86 -0.19
C VAL A 27 13.06 -0.05 0.82
N PHE A 28 12.85 1.23 0.85
CA PHE A 28 13.61 2.08 1.80
C PHE A 28 13.14 1.81 3.23
N LYS A 29 11.91 1.40 3.37
CA LYS A 29 11.37 1.11 4.74
C LYS A 29 11.94 -0.22 5.23
N LYS A 30 12.35 -1.07 4.34
CA LYS A 30 12.91 -2.38 4.75
C LYS A 30 14.09 -2.16 5.70
N ILE A 31 14.80 -1.08 5.53
CA ILE A 31 15.96 -0.80 6.42
C ILE A 31 15.44 -0.56 7.84
N GLU A 32 14.37 0.16 7.95
CA GLU A 32 13.79 0.44 9.30
C GLU A 32 13.20 -0.85 9.86
N LYS A 33 12.37 -1.50 9.08
CA LYS A 33 11.75 -2.77 9.55
C LYS A 33 11.35 -2.64 11.02
N LYS A 1 -12.98 2.70 18.37
CA LYS A 1 -13.82 1.91 17.42
C LYS A 1 -12.93 0.94 16.65
N TRP A 2 -13.04 -0.32 16.93
CA TRP A 2 -12.21 -1.33 16.21
C TRP A 2 -12.67 -1.43 14.77
N LYS A 3 -13.81 -0.88 14.46
CA LYS A 3 -14.32 -0.96 13.06
C LYS A 3 -13.40 -0.16 12.13
N VAL A 4 -12.75 0.83 12.67
CA VAL A 4 -11.83 1.65 11.84
C VAL A 4 -10.73 0.77 11.26
N PHE A 5 -10.36 -0.26 11.98
CA PHE A 5 -9.30 -1.18 11.48
C PHE A 5 -9.71 -1.74 10.13
N LYS A 6 -10.97 -1.85 9.88
CA LYS A 6 -11.43 -2.40 8.58
C LYS A 6 -10.81 -1.58 7.45
N LYS A 7 -10.73 -0.29 7.64
CA LYS A 7 -10.11 0.56 6.60
C LYS A 7 -8.62 0.26 6.56
N ILE A 8 -8.08 -0.10 7.69
CA ILE A 8 -6.64 -0.44 7.75
C ILE A 8 -6.45 -1.80 7.11
N GLU A 9 -7.42 -2.65 7.25
CA GLU A 9 -7.33 -4.01 6.66
C GLU A 9 -7.31 -3.91 5.13
N LYS A 10 -8.27 -3.24 4.57
CA LYS A 10 -8.31 -3.09 3.09
C LYS A 10 -7.15 -2.20 2.65
N LYS A 11 -6.61 -1.41 3.55
CA LYS A 11 -5.47 -0.52 3.20
C LYS A 11 -4.20 -1.36 3.10
N TRP A 12 -4.14 -2.44 3.83
CA TRP A 12 -2.94 -3.31 3.78
C TRP A 12 -2.97 -4.17 2.52
N LYS A 13 -4.01 -4.93 2.36
CA LYS A 13 -4.12 -5.80 1.16
C LYS A 13 -4.06 -4.95 -0.11
N VAL A 14 -4.60 -3.76 -0.06
CA VAL A 14 -4.57 -2.90 -1.26
C VAL A 14 -3.16 -2.35 -1.46
N PHE A 15 -2.45 -2.14 -0.38
CA PHE A 15 -1.06 -1.61 -0.48
C PHE A 15 -0.18 -2.66 -1.16
N LYS A 16 -0.42 -3.91 -0.87
CA LYS A 16 0.40 -4.99 -1.49
C LYS A 16 0.18 -4.99 -2.99
N LYS A 17 -0.93 -4.49 -3.44
CA LYS A 17 -1.20 -4.46 -4.90
C LYS A 17 -0.28 -3.46 -5.58
N ILE A 18 -0.16 -2.29 -5.01
CA ILE A 18 0.72 -1.26 -5.62
C ILE A 18 2.18 -1.61 -5.35
N GLU A 19 2.45 -2.31 -4.29
CA GLU A 19 3.85 -2.68 -4.00
C GLU A 19 4.39 -3.47 -5.18
N LYS A 20 3.59 -4.33 -5.73
CA LYS A 20 4.03 -5.14 -6.90
C LYS A 20 4.11 -4.23 -8.11
N ALA A 21 3.37 -3.15 -8.11
CA ALA A 21 3.40 -2.21 -9.26
C ALA A 21 4.36 -1.06 -8.94
N GLY A 22 4.85 -1.00 -7.74
CA GLY A 22 5.79 0.10 -7.37
C GLY A 22 5.19 1.44 -7.79
N PRO A 23 6.01 2.45 -7.77
CA PRO A 23 5.61 3.81 -8.15
C PRO A 23 5.54 3.93 -9.68
N LYS A 24 5.75 2.84 -10.38
CA LYS A 24 5.70 2.88 -11.86
C LYS A 24 4.32 3.39 -12.31
N TRP A 25 3.36 3.39 -11.42
CA TRP A 25 2.00 3.87 -11.79
C TRP A 25 1.98 5.39 -11.74
N LYS A 26 3.10 6.01 -11.53
CA LYS A 26 3.12 7.50 -11.46
C LYS A 26 3.33 8.07 -12.87
N VAL A 27 3.83 7.28 -13.77
CA VAL A 27 4.06 7.76 -15.16
C VAL A 27 2.73 7.74 -15.92
N PHE A 28 1.88 6.81 -15.59
CA PHE A 28 0.56 6.72 -16.28
C PHE A 28 -0.23 8.01 -16.04
N LYS A 29 0.02 8.65 -14.94
CA LYS A 29 -0.72 9.92 -14.64
C LYS A 29 -0.28 11.01 -15.60
N LYS A 30 0.90 10.90 -16.15
CA LYS A 30 1.39 11.94 -17.10
C LYS A 30 0.41 12.04 -18.27
N ILE A 31 -0.23 10.96 -18.62
CA ILE A 31 -1.19 11.00 -19.74
C ILE A 31 -2.45 11.77 -19.31
N GLU A 32 -2.84 11.61 -18.08
CA GLU A 32 -4.05 12.32 -17.58
C GLU A 32 -3.81 13.83 -17.66
N LYS A 33 -2.58 14.24 -17.55
CA LYS A 33 -2.27 15.69 -17.61
C LYS A 33 -1.64 16.02 -18.97
N LYS A 1 -16.24 3.80 16.80
CA LYS A 1 -16.53 2.85 15.68
C LYS A 1 -15.27 2.06 15.34
N TRP A 2 -15.17 0.86 15.83
CA TRP A 2 -13.97 0.02 15.53
C TRP A 2 -13.95 -0.34 14.05
N LYS A 3 -15.03 -0.08 13.36
CA LYS A 3 -15.07 -0.42 11.90
C LYS A 3 -13.92 0.28 11.19
N VAL A 4 -13.44 1.36 11.74
CA VAL A 4 -12.31 2.10 11.10
C VAL A 4 -11.14 1.14 10.87
N PHE A 5 -10.99 0.17 11.72
CA PHE A 5 -9.86 -0.80 11.57
C PHE A 5 -10.04 -1.56 10.26
N LYS A 6 -11.25 -1.71 9.81
CA LYS A 6 -11.47 -2.43 8.54
C LYS A 6 -10.77 -1.69 7.41
N LYS A 7 -10.75 -0.39 7.48
CA LYS A 7 -10.06 0.39 6.43
C LYS A 7 -8.56 0.14 6.55
N ILE A 8 -8.10 -0.06 7.73
CA ILE A 8 -6.66 -0.36 7.93
C ILE A 8 -6.42 -1.79 7.47
N GLU A 9 -7.39 -2.63 7.68
CA GLU A 9 -7.25 -4.05 7.25
C GLU A 9 -7.22 -4.13 5.74
N LYS A 10 -7.98 -3.30 5.09
CA LYS A 10 -8.00 -3.31 3.59
C LYS A 10 -6.86 -2.46 3.07
N LYS A 11 -6.33 -1.59 3.88
CA LYS A 11 -5.20 -0.72 3.43
C LYS A 11 -3.97 -1.59 3.18
N TRP A 12 -3.86 -2.67 3.90
CA TRP A 12 -2.69 -3.57 3.71
C TRP A 12 -2.91 -4.44 2.47
N LYS A 13 -4.08 -5.02 2.35
CA LYS A 13 -4.36 -5.86 1.16
C LYS A 13 -4.18 -5.03 -0.10
N VAL A 14 -4.40 -3.76 0.00
CA VAL A 14 -4.22 -2.87 -1.18
C VAL A 14 -2.76 -2.45 -1.25
N PHE A 15 -2.14 -2.30 -0.12
CA PHE A 15 -0.70 -1.89 -0.11
C PHE A 15 0.12 -2.93 -0.87
N LYS A 16 -0.24 -4.17 -0.75
CA LYS A 16 0.51 -5.24 -1.47
C LYS A 16 0.24 -5.12 -2.96
N LYS A 17 -0.87 -4.55 -3.32
CA LYS A 17 -1.20 -4.40 -4.77
C LYS A 17 -0.28 -3.34 -5.39
N ILE A 18 0.05 -2.33 -4.65
CA ILE A 18 0.95 -1.26 -5.19
C ILE A 18 2.37 -1.80 -5.27
N GLU A 19 2.72 -2.74 -4.45
CA GLU A 19 4.09 -3.29 -4.51
C GLU A 19 4.38 -3.73 -5.94
N LYS A 20 3.43 -4.36 -6.56
CA LYS A 20 3.62 -4.82 -7.96
C LYS A 20 3.60 -3.61 -8.89
N ALA A 21 2.99 -2.54 -8.46
CA ALA A 21 2.94 -1.31 -9.30
C ALA A 21 4.05 -0.35 -8.85
N GLY A 22 4.72 -0.66 -7.78
CA GLY A 22 5.81 0.24 -7.31
C GLY A 22 5.24 1.22 -6.28
N PRO A 23 5.69 1.09 -5.06
CA PRO A 23 5.23 1.97 -3.96
C PRO A 23 5.94 3.33 -4.04
N LYS A 24 6.91 3.45 -4.90
CA LYS A 24 7.63 4.75 -5.03
C LYS A 24 6.67 5.83 -5.53
N TRP A 25 5.51 5.42 -5.98
CA TRP A 25 4.52 6.42 -6.49
C TRP A 25 4.04 7.30 -5.33
N LYS A 26 4.34 6.92 -4.12
CA LYS A 26 3.89 7.73 -2.96
C LYS A 26 5.07 8.56 -2.44
N VAL A 27 6.27 8.09 -2.66
CA VAL A 27 7.47 8.84 -2.19
C VAL A 27 7.76 9.99 -3.16
N PHE A 28 7.47 9.79 -4.41
CA PHE A 28 7.73 10.86 -5.41
C PHE A 28 6.68 11.96 -5.27
N LYS A 29 5.52 11.61 -4.80
CA LYS A 29 4.44 12.62 -4.63
C LYS A 29 4.82 13.60 -3.52
N LYS A 30 5.66 13.19 -2.62
CA LYS A 30 6.07 14.09 -1.51
C LYS A 30 6.76 15.32 -2.10
N ILE A 31 7.42 15.14 -3.21
CA ILE A 31 8.12 16.29 -3.84
C ILE A 31 7.10 17.32 -4.32
N GLU A 32 5.98 16.86 -4.80
CA GLU A 32 4.93 17.80 -5.28
C GLU A 32 4.35 18.56 -4.09
N LYS A 33 4.36 17.95 -2.94
CA LYS A 33 3.80 18.63 -1.73
C LYS A 33 4.72 19.78 -1.32
N LYS A 1 -14.50 2.84 18.26
CA LYS A 1 -15.08 2.12 17.08
C LYS A 1 -14.00 1.30 16.40
N TRP A 2 -13.89 0.05 16.75
CA TRP A 2 -12.85 -0.81 16.12
C TRP A 2 -13.20 -1.07 14.66
N LYS A 3 -14.36 -0.62 14.22
CA LYS A 3 -14.75 -0.85 12.81
C LYS A 3 -13.80 -0.07 11.89
N VAL A 4 -13.20 0.97 12.39
CA VAL A 4 -12.26 1.76 11.56
C VAL A 4 -11.04 0.90 11.21
N PHE A 5 -10.68 0.02 12.09
CA PHE A 5 -9.50 -0.86 11.84
C PHE A 5 -9.74 -1.68 10.56
N LYS A 6 -10.97 -1.96 10.26
CA LYS A 6 -11.25 -2.75 9.03
C LYS A 6 -10.80 -1.96 7.81
N LYS A 7 -10.90 -0.66 7.87
CA LYS A 7 -10.45 0.15 6.71
C LYS A 7 -8.93 0.08 6.64
N ILE A 8 -8.31 -0.04 7.77
CA ILE A 8 -6.83 -0.16 7.80
C ILE A 8 -6.48 -1.57 7.35
N GLU A 9 -7.33 -2.50 7.69
CA GLU A 9 -7.07 -3.91 7.30
C GLU A 9 -7.18 -4.04 5.78
N LYS A 10 -8.09 -3.32 5.19
CA LYS A 10 -8.26 -3.40 3.71
C LYS A 10 -7.23 -2.48 3.03
N LYS A 11 -6.68 -1.56 3.78
CA LYS A 11 -5.67 -0.64 3.18
C LYS A 11 -4.38 -1.40 2.91
N TRP A 12 -4.12 -2.41 3.69
CA TRP A 12 -2.88 -3.20 3.49
C TRP A 12 -3.02 -4.04 2.22
N LYS A 13 -4.12 -4.72 2.07
CA LYS A 13 -4.34 -5.55 0.87
C LYS A 13 -4.24 -4.68 -0.38
N VAL A 14 -4.75 -3.49 -0.31
CA VAL A 14 -4.68 -2.58 -1.48
C VAL A 14 -3.25 -2.08 -1.63
N PHE A 15 -2.57 -1.91 -0.54
CA PHE A 15 -1.16 -1.43 -0.60
C PHE A 15 -0.28 -2.52 -1.21
N LYS A 16 -0.58 -3.75 -0.93
CA LYS A 16 0.22 -4.87 -1.50
C LYS A 16 0.12 -4.84 -3.02
N LYS A 17 -0.93 -4.25 -3.54
CA LYS A 17 -1.09 -4.19 -5.02
C LYS A 17 -0.01 -3.29 -5.62
N ILE A 18 0.36 -2.26 -4.92
CA ILE A 18 1.41 -1.34 -5.45
C ILE A 18 2.77 -2.01 -5.34
N GLU A 19 2.93 -2.90 -4.42
CA GLU A 19 4.24 -3.59 -4.27
C GLU A 19 4.65 -4.13 -5.64
N LYS A 20 3.72 -4.74 -6.33
CA LYS A 20 4.03 -5.28 -7.68
C LYS A 20 4.10 -4.14 -8.68
N ALA A 21 3.54 -3.01 -8.34
CA ALA A 21 3.58 -1.86 -9.26
C ALA A 21 4.74 -0.93 -8.86
N GLY A 22 5.37 -1.21 -7.75
CA GLY A 22 6.51 -0.36 -7.32
C GLY A 22 7.72 -1.23 -7.00
N PRO A 23 8.89 -0.76 -7.35
CA PRO A 23 10.15 -1.48 -7.11
C PRO A 23 10.58 -1.32 -5.65
N LYS A 24 9.77 -0.71 -4.84
CA LYS A 24 10.13 -0.53 -3.41
C LYS A 24 10.34 -1.89 -2.76
N TRP A 25 9.88 -2.93 -3.39
CA TRP A 25 10.06 -4.30 -2.82
C TRP A 25 11.46 -4.81 -3.14
N LYS A 26 12.16 -4.14 -4.01
CA LYS A 26 13.54 -4.59 -4.37
C LYS A 26 14.54 -4.06 -3.33
N VAL A 27 14.12 -3.12 -2.52
CA VAL A 27 15.06 -2.58 -1.50
C VAL A 27 15.36 -3.66 -0.46
N PHE A 28 14.36 -4.39 -0.06
CA PHE A 28 14.57 -5.47 0.95
C PHE A 28 15.24 -6.66 0.27
N LYS A 29 15.02 -6.83 -1.00
CA LYS A 29 15.65 -7.98 -1.72
C LYS A 29 17.13 -7.68 -1.97
N LYS A 30 17.50 -6.43 -1.98
CA LYS A 30 18.91 -6.08 -2.23
C LYS A 30 19.80 -6.77 -1.19
N ILE A 31 19.29 -6.98 -0.01
CA ILE A 31 20.09 -7.66 1.05
C ILE A 31 20.27 -9.13 0.69
N GLU A 32 19.27 -9.73 0.12
CA GLU A 32 19.36 -11.17 -0.25
C GLU A 32 20.34 -11.34 -1.41
N LYS A 33 20.47 -10.33 -2.23
CA LYS A 33 21.41 -10.43 -3.38
C LYS A 33 22.73 -9.74 -3.01
N LYS A 1 -15.42 1.47 17.67
CA LYS A 1 -15.95 0.98 16.36
C LYS A 1 -14.86 0.18 15.65
N TRP A 2 -14.97 -1.12 15.65
CA TRP A 2 -13.96 -1.96 14.96
C TRP A 2 -14.07 -1.77 13.45
N LYS A 3 -15.07 -1.07 13.00
CA LYS A 3 -15.23 -0.85 11.53
C LYS A 3 -14.06 -0.02 11.01
N VAL A 4 -13.44 0.75 11.86
CA VAL A 4 -12.30 1.59 11.43
C VAL A 4 -11.13 0.69 11.02
N PHE A 5 -11.01 -0.44 11.65
CA PHE A 5 -9.90 -1.37 11.30
C PHE A 5 -10.07 -1.86 9.86
N LYS A 6 -11.28 -1.91 9.39
CA LYS A 6 -11.50 -2.38 8.00
C LYS A 6 -10.74 -1.48 7.04
N LYS A 7 -10.68 -0.21 7.35
CA LYS A 7 -9.94 0.72 6.47
C LYS A 7 -8.45 0.41 6.60
N ILE A 8 -8.05 -0.03 7.75
CA ILE A 8 -6.63 -0.39 7.95
C ILE A 8 -6.38 -1.71 7.25
N GLU A 9 -7.36 -2.54 7.24
CA GLU A 9 -7.23 -3.87 6.58
C GLU A 9 -7.10 -3.68 5.08
N LYS A 10 -7.87 -2.77 4.54
CA LYS A 10 -7.80 -2.51 3.07
C LYS A 10 -6.51 -1.76 2.74
N LYS A 11 -5.93 -1.12 3.72
CA LYS A 11 -4.67 -0.38 3.48
C LYS A 11 -3.51 -1.37 3.38
N TRP A 12 -3.63 -2.48 4.05
CA TRP A 12 -2.55 -3.49 4.01
C TRP A 12 -2.71 -4.36 2.76
N LYS A 13 -3.86 -4.94 2.60
CA LYS A 13 -4.11 -5.80 1.42
C LYS A 13 -3.91 -4.97 0.15
N VAL A 14 -4.23 -3.71 0.21
CA VAL A 14 -4.06 -2.84 -0.99
C VAL A 14 -2.58 -2.51 -1.15
N PHE A 15 -1.87 -2.39 -0.06
CA PHE A 15 -0.42 -2.07 -0.14
C PHE A 15 0.29 -3.17 -0.91
N LYS A 16 -0.11 -4.39 -0.73
CA LYS A 16 0.55 -5.50 -1.46
C LYS A 16 0.17 -5.41 -2.94
N LYS A 17 -0.99 -4.91 -3.21
CA LYS A 17 -1.44 -4.78 -4.63
C LYS A 17 -0.64 -3.68 -5.32
N ILE A 18 -0.47 -2.57 -4.67
CA ILE A 18 0.30 -1.46 -5.27
C ILE A 18 1.79 -1.76 -5.21
N GLU A 19 2.20 -2.53 -4.26
CA GLU A 19 3.65 -2.88 -4.17
C GLU A 19 4.12 -3.39 -5.53
N LYS A 20 3.34 -4.23 -6.13
CA LYS A 20 3.72 -4.77 -7.47
C LYS A 20 3.53 -3.69 -8.52
N ALA A 21 2.72 -2.71 -8.23
CA ALA A 21 2.49 -1.61 -9.20
C ALA A 21 3.38 -0.42 -8.85
N GLY A 22 4.06 -0.48 -7.73
CA GLY A 22 4.95 0.65 -7.35
C GLY A 22 4.12 1.93 -7.27
N PRO A 23 4.80 3.03 -7.05
CA PRO A 23 4.16 4.35 -6.97
C PRO A 23 3.81 4.86 -8.36
N LYS A 24 4.06 4.07 -9.38
CA LYS A 24 3.75 4.50 -10.76
C LYS A 24 2.24 4.56 -10.95
N TRP A 25 1.50 4.06 -10.00
CA TRP A 25 0.01 4.07 -10.12
C TRP A 25 -0.54 5.39 -9.57
N LYS A 26 0.27 6.09 -8.81
CA LYS A 26 -0.20 7.39 -8.23
C LYS A 26 -0.27 8.44 -9.34
N VAL A 27 0.25 8.14 -10.50
CA VAL A 27 0.22 9.14 -11.60
C VAL A 27 -1.20 9.20 -12.18
N PHE A 28 -1.90 8.10 -12.17
CA PHE A 28 -3.28 8.09 -12.72
C PHE A 28 -4.20 8.88 -11.80
N LYS A 29 -3.89 8.93 -10.53
CA LYS A 29 -4.74 9.69 -9.59
C LYS A 29 -4.42 11.18 -9.71
N LYS A 30 -3.23 11.50 -10.12
CA LYS A 30 -2.86 12.94 -10.29
C LYS A 30 -3.75 13.58 -11.34
N ILE A 31 -4.19 12.80 -12.29
CA ILE A 31 -5.07 13.35 -13.36
C ILE A 31 -6.39 13.79 -12.74
N GLU A 32 -6.85 13.07 -11.77
CA GLU A 32 -8.14 13.44 -11.11
C GLU A 32 -8.03 14.86 -10.53
N LYS A 33 -6.84 15.25 -10.17
CA LYS A 33 -6.66 16.61 -9.60
C LYS A 33 -6.59 17.63 -10.73
N LYS A 1 -13.26 4.83 16.54
CA LYS A 1 -14.19 3.77 16.08
C LYS A 1 -13.39 2.52 15.68
N TRP A 2 -13.68 1.40 16.28
CA TRP A 2 -12.93 0.16 15.94
C TRP A 2 -13.23 -0.22 14.49
N LYS A 3 -14.30 0.27 13.94
CA LYS A 3 -14.65 -0.06 12.53
C LYS A 3 -13.59 0.54 11.60
N VAL A 4 -12.98 1.61 12.02
CA VAL A 4 -11.94 2.25 11.17
C VAL A 4 -10.81 1.26 10.90
N PHE A 5 -10.56 0.38 11.82
CA PHE A 5 -9.48 -0.62 11.63
C PHE A 5 -9.79 -1.49 10.42
N LYS A 6 -11.04 -1.69 10.14
CA LYS A 6 -11.40 -2.52 8.95
C LYS A 6 -10.84 -1.85 7.71
N LYS A 7 -10.86 -0.55 7.69
CA LYS A 7 -10.31 0.17 6.51
C LYS A 7 -8.80 -0.01 6.50
N ILE A 8 -8.23 -0.11 7.66
CA ILE A 8 -6.77 -0.31 7.76
C ILE A 8 -6.45 -1.74 7.35
N GLU A 9 -7.35 -2.62 7.65
CA GLU A 9 -7.15 -4.06 7.29
C GLU A 9 -7.17 -4.19 5.77
N LYS A 10 -8.16 -3.63 5.14
CA LYS A 10 -8.25 -3.71 3.66
C LYS A 10 -7.19 -2.81 3.03
N LYS A 11 -6.68 -1.87 3.79
CA LYS A 11 -5.64 -0.96 3.24
C LYS A 11 -4.37 -1.76 2.97
N TRP A 12 -4.13 -2.76 3.74
CA TRP A 12 -2.91 -3.59 3.54
C TRP A 12 -3.06 -4.39 2.25
N LYS A 13 -4.16 -5.06 2.10
CA LYS A 13 -4.39 -5.85 0.86
C LYS A 13 -4.30 -4.91 -0.35
N VAL A 14 -4.53 -3.65 -0.11
CA VAL A 14 -4.45 -2.65 -1.21
C VAL A 14 -3.00 -2.23 -1.37
N PHE A 15 -2.32 -2.07 -0.27
CA PHE A 15 -0.88 -1.65 -0.32
C PHE A 15 -0.07 -2.75 -1.02
N LYS A 16 -0.42 -3.97 -0.81
CA LYS A 16 0.33 -5.08 -1.45
C LYS A 16 0.17 -5.00 -2.97
N LYS A 17 -0.89 -4.38 -3.43
CA LYS A 17 -1.10 -4.25 -4.89
C LYS A 17 -0.09 -3.27 -5.47
N ILE A 18 0.11 -2.17 -4.83
CA ILE A 18 1.08 -1.16 -5.34
C ILE A 18 2.49 -1.74 -5.26
N GLU A 19 2.72 -2.65 -4.38
CA GLU A 19 4.08 -3.25 -4.28
C GLU A 19 4.47 -3.78 -5.65
N LYS A 20 3.55 -4.42 -6.32
CA LYS A 20 3.84 -4.95 -7.67
C LYS A 20 3.95 -3.79 -8.66
N ALA A 21 3.34 -2.69 -8.33
CA ALA A 21 3.40 -1.51 -9.24
C ALA A 21 4.50 -0.56 -8.77
N GLY A 22 5.08 -0.83 -7.62
CA GLY A 22 6.16 0.04 -7.10
C GLY A 22 7.49 -0.72 -7.11
N PRO A 23 8.22 -0.58 -8.18
CA PRO A 23 9.52 -1.25 -8.35
C PRO A 23 10.60 -0.52 -7.56
N LYS A 24 10.23 0.47 -6.79
CA LYS A 24 11.24 1.23 -6.00
C LYS A 24 12.03 0.25 -5.12
N TRP A 25 11.50 -0.93 -4.92
CA TRP A 25 12.21 -1.92 -4.07
C TRP A 25 13.48 -2.40 -4.79
N LYS A 26 13.62 -2.08 -6.05
CA LYS A 26 14.83 -2.51 -6.79
C LYS A 26 15.99 -1.57 -6.49
N VAL A 27 15.78 -0.59 -5.66
CA VAL A 27 16.87 0.36 -5.33
C VAL A 27 18.00 -0.39 -4.61
N PHE A 28 17.66 -1.38 -3.85
CA PHE A 28 18.69 -2.16 -3.12
C PHE A 28 19.64 -2.82 -4.13
N LYS A 29 19.15 -3.10 -5.29
CA LYS A 29 20.02 -3.75 -6.33
C LYS A 29 21.00 -2.71 -6.88
N LYS A 30 20.66 -1.46 -6.79
CA LYS A 30 21.56 -0.40 -7.30
C LYS A 30 22.89 -0.46 -6.56
N ILE A 31 22.87 -0.88 -5.32
CA ILE A 31 24.13 -0.97 -4.54
C ILE A 31 25.02 -2.06 -5.13
N GLU A 32 24.43 -3.12 -5.59
CA GLU A 32 25.23 -4.23 -6.18
C GLU A 32 26.00 -3.71 -7.40
N LYS A 33 25.47 -2.72 -8.06
CA LYS A 33 26.17 -2.17 -9.26
C LYS A 33 26.96 -0.92 -8.86
N LYS A 1 -15.47 2.26 18.05
CA LYS A 1 -15.77 1.35 16.90
C LYS A 1 -14.47 0.75 16.38
N TRP A 2 -14.17 -0.46 16.76
CA TRP A 2 -12.92 -1.10 16.28
C TRP A 2 -13.01 -1.34 14.78
N LYS A 3 -14.17 -1.17 14.20
CA LYS A 3 -14.33 -1.38 12.74
C LYS A 3 -13.32 -0.51 11.98
N VAL A 4 -12.90 0.57 12.59
CA VAL A 4 -11.92 1.46 11.92
C VAL A 4 -10.74 0.63 11.40
N PHE A 5 -10.41 -0.41 12.10
CA PHE A 5 -9.27 -1.27 11.66
C PHE A 5 -9.61 -1.92 10.33
N LYS A 6 -10.86 -2.14 10.08
CA LYS A 6 -11.25 -2.77 8.79
C LYS A 6 -10.80 -1.88 7.64
N LYS A 7 -10.87 -0.59 7.84
CA LYS A 7 -10.42 0.34 6.77
C LYS A 7 -8.90 0.23 6.66
N ILE A 8 -8.27 -0.03 7.75
CA ILE A 8 -6.79 -0.19 7.74
C ILE A 8 -6.46 -1.52 7.11
N GLU A 9 -7.31 -2.48 7.32
CA GLU A 9 -7.08 -3.84 6.74
C GLU A 9 -7.18 -3.77 5.22
N LYS A 10 -8.19 -3.13 4.72
CA LYS A 10 -8.36 -3.03 3.24
C LYS A 10 -7.30 -2.09 2.68
N LYS A 11 -6.77 -1.22 3.50
CA LYS A 11 -5.72 -0.29 3.02
C LYS A 11 -4.41 -1.05 2.88
N TRP A 12 -4.22 -2.06 3.67
CA TRP A 12 -2.96 -2.86 3.58
C TRP A 12 -3.06 -3.82 2.41
N LYS A 13 -4.12 -4.55 2.33
CA LYS A 13 -4.29 -5.51 1.21
C LYS A 13 -4.21 -4.76 -0.11
N VAL A 14 -4.77 -3.58 -0.15
CA VAL A 14 -4.72 -2.79 -1.40
C VAL A 14 -3.31 -2.25 -1.59
N PHE A 15 -2.63 -1.97 -0.51
CA PHE A 15 -1.23 -1.46 -0.61
C PHE A 15 -0.34 -2.56 -1.17
N LYS A 16 -0.60 -3.79 -0.79
CA LYS A 16 0.23 -4.91 -1.30
C LYS A 16 0.15 -4.95 -2.83
N LYS A 17 -0.90 -4.43 -3.39
CA LYS A 17 -1.05 -4.43 -4.87
C LYS A 17 -0.02 -3.49 -5.49
N ILE A 18 0.26 -2.40 -4.83
CA ILE A 18 1.25 -1.43 -5.39
C ILE A 18 2.66 -2.01 -5.25
N GLU A 19 2.87 -2.86 -4.29
CA GLU A 19 4.22 -3.46 -4.14
C GLU A 19 4.64 -4.03 -5.49
N LYS A 20 3.74 -4.72 -6.13
CA LYS A 20 4.06 -5.30 -7.47
C LYS A 20 4.05 -4.19 -8.51
N ALA A 21 3.40 -3.10 -8.20
CA ALA A 21 3.35 -1.96 -9.16
C ALA A 21 4.50 -1.01 -8.86
N GLY A 22 5.20 -1.21 -7.77
CA GLY A 22 6.33 -0.31 -7.43
C GLY A 22 5.81 0.89 -6.64
N PRO A 23 6.72 1.54 -5.95
CA PRO A 23 6.40 2.73 -5.13
C PRO A 23 6.31 3.99 -6.02
N LYS A 24 6.24 3.81 -7.30
CA LYS A 24 6.16 4.99 -8.21
C LYS A 24 4.99 5.90 -7.78
N TRP A 25 4.08 5.35 -7.03
CA TRP A 25 2.92 6.17 -6.57
C TRP A 25 3.40 7.22 -5.57
N LYS A 26 4.64 7.17 -5.19
CA LYS A 26 5.17 8.17 -4.22
C LYS A 26 6.47 8.77 -4.76
N VAL A 27 6.88 8.36 -5.93
CA VAL A 27 8.14 8.91 -6.50
C VAL A 27 7.87 10.29 -7.10
N PHE A 28 6.69 10.49 -7.62
CA PHE A 28 6.36 11.81 -8.23
C PHE A 28 6.35 12.89 -7.15
N LYS A 29 6.06 12.50 -5.93
CA LYS A 29 6.04 13.51 -4.83
C LYS A 29 7.41 14.16 -4.69
N LYS A 30 8.44 13.46 -5.07
CA LYS A 30 9.81 14.04 -4.97
C LYS A 30 9.86 15.33 -5.78
N ILE A 31 9.11 15.40 -6.83
CA ILE A 31 9.11 16.63 -7.67
C ILE A 31 8.40 17.77 -6.92
N GLU A 32 7.37 17.43 -6.20
CA GLU A 32 6.63 18.48 -5.44
C GLU A 32 7.51 19.03 -4.33
N LYS A 33 8.42 18.24 -3.83
CA LYS A 33 9.32 18.73 -2.75
C LYS A 33 10.62 19.27 -3.36
N LYS A 1 -12.00 3.93 17.05
CA LYS A 1 -13.05 2.91 16.79
C LYS A 1 -12.41 1.65 16.16
N TRP A 2 -12.84 0.50 16.56
CA TRP A 2 -12.26 -0.76 16.00
C TRP A 2 -12.65 -0.88 14.52
N LYS A 3 -13.70 -0.23 14.13
CA LYS A 3 -14.14 -0.30 12.70
C LYS A 3 -13.11 0.39 11.82
N VAL A 4 -12.37 1.32 12.38
CA VAL A 4 -11.34 2.04 11.58
C VAL A 4 -10.28 1.04 11.12
N PHE A 5 -10.03 0.04 11.91
CA PHE A 5 -9.00 -0.97 11.52
C PHE A 5 -9.42 -1.66 10.23
N LYS A 6 -10.69 -1.75 9.98
CA LYS A 6 -11.16 -2.40 8.73
C LYS A 6 -10.62 -1.63 7.55
N LYS A 7 -10.53 -0.33 7.67
CA LYS A 7 -9.99 0.49 6.56
C LYS A 7 -8.50 0.20 6.44
N ILE A 8 -7.89 -0.09 7.55
CA ILE A 8 -6.44 -0.42 7.53
C ILE A 8 -6.30 -1.83 6.96
N GLU A 9 -7.26 -2.66 7.23
CA GLU A 9 -7.22 -4.06 6.72
C GLU A 9 -7.34 -4.04 5.20
N LYS A 10 -8.24 -3.25 4.68
CA LYS A 10 -8.43 -3.19 3.21
C LYS A 10 -7.32 -2.34 2.59
N LYS A 11 -6.76 -1.45 3.36
CA LYS A 11 -5.66 -0.59 2.82
C LYS A 11 -4.39 -1.41 2.70
N TRP A 12 -4.24 -2.41 3.51
CA TRP A 12 -3.02 -3.26 3.45
C TRP A 12 -3.15 -4.25 2.29
N LYS A 13 -4.24 -4.94 2.21
CA LYS A 13 -4.44 -5.93 1.11
C LYS A 13 -4.31 -5.20 -0.22
N VAL A 14 -4.83 -4.02 -0.31
CA VAL A 14 -4.72 -3.26 -1.58
C VAL A 14 -3.29 -2.74 -1.73
N PHE A 15 -2.67 -2.45 -0.63
CA PHE A 15 -1.26 -1.94 -0.67
C PHE A 15 -0.36 -3.02 -1.27
N LYS A 16 -0.63 -4.25 -0.97
CA LYS A 16 0.21 -5.36 -1.51
C LYS A 16 0.12 -5.34 -3.04
N LYS A 17 -0.99 -4.97 -3.56
CA LYS A 17 -1.14 -4.92 -5.05
C LYS A 17 -0.31 -3.77 -5.60
N ILE A 18 -0.42 -2.62 -5.00
CA ILE A 18 0.36 -1.44 -5.48
C ILE A 18 1.81 -1.59 -5.03
N GLU A 19 2.04 -2.30 -3.97
CA GLU A 19 3.45 -2.48 -3.50
C GLU A 19 4.27 -3.03 -4.65
N LYS A 20 3.72 -3.96 -5.37
CA LYS A 20 4.45 -4.56 -6.53
C LYS A 20 4.51 -3.54 -7.66
N ALA A 21 3.59 -2.62 -7.67
CA ALA A 21 3.59 -1.57 -8.73
C ALA A 21 4.28 -0.31 -8.21
N GLY A 22 4.59 -0.28 -6.94
CA GLY A 22 5.26 0.92 -6.37
C GLY A 22 6.61 0.51 -5.76
N PRO A 23 7.48 1.47 -5.63
CA PRO A 23 8.82 1.26 -5.06
C PRO A 23 8.75 1.18 -3.53
N LYS A 24 7.58 1.33 -2.97
CA LYS A 24 7.44 1.25 -1.49
C LYS A 24 7.75 -0.17 -1.02
N TRP A 25 7.86 -1.10 -1.92
CA TRP A 25 8.16 -2.49 -1.51
C TRP A 25 9.53 -2.55 -0.84
N LYS A 26 10.39 -1.61 -1.15
CA LYS A 26 11.74 -1.60 -0.53
C LYS A 26 11.79 -0.49 0.52
N VAL A 27 10.86 0.43 0.46
CA VAL A 27 10.85 1.54 1.46
C VAL A 27 10.37 1.01 2.81
N PHE A 28 9.51 0.04 2.79
CA PHE A 28 9.00 -0.54 4.07
C PHE A 28 10.17 -1.13 4.85
N LYS A 29 11.18 -1.56 4.17
CA LYS A 29 12.35 -2.16 4.87
C LYS A 29 13.01 -1.10 5.76
N LYS A 30 12.83 0.15 5.43
CA LYS A 30 13.43 1.23 6.26
C LYS A 30 12.91 1.13 7.69
N ILE A 31 11.71 0.66 7.84
CA ILE A 31 11.12 0.52 9.21
C ILE A 31 11.90 -0.53 9.99
N GLU A 32 12.29 -1.57 9.35
CA GLU A 32 13.05 -2.66 10.05
C GLU A 32 14.43 -2.13 10.43
N LYS A 33 14.94 -1.20 9.67
CA LYS A 33 16.29 -0.63 9.99
C LYS A 33 16.13 0.59 10.91
N LYS A 1 -12.35 4.01 17.60
CA LYS A 1 -13.28 3.29 16.69
C LYS A 1 -12.58 2.04 16.14
N TRP A 2 -13.01 0.88 16.57
CA TRP A 2 -12.37 -0.37 16.08
C TRP A 2 -12.72 -0.59 14.61
N LYS A 3 -13.74 0.06 14.13
CA LYS A 3 -14.13 -0.10 12.70
C LYS A 3 -13.03 0.49 11.81
N VAL A 4 -12.28 1.42 12.34
CA VAL A 4 -11.19 2.04 11.53
C VAL A 4 -10.19 0.97 11.12
N PHE A 5 -10.00 -0.02 11.93
CA PHE A 5 -9.03 -1.10 11.59
C PHE A 5 -9.47 -1.80 10.30
N LYS A 6 -10.74 -1.82 10.04
CA LYS A 6 -11.22 -2.47 8.79
C LYS A 6 -10.71 -1.67 7.61
N LYS A 7 -10.61 -0.37 7.76
CA LYS A 7 -10.10 0.47 6.65
C LYS A 7 -8.61 0.18 6.48
N ILE A 8 -7.96 -0.12 7.56
CA ILE A 8 -6.52 -0.44 7.51
C ILE A 8 -6.38 -1.84 6.92
N GLU A 9 -7.33 -2.68 7.20
CA GLU A 9 -7.29 -4.07 6.69
C GLU A 9 -7.40 -4.05 5.16
N LYS A 10 -8.34 -3.32 4.65
CA LYS A 10 -8.52 -3.25 3.17
C LYS A 10 -7.41 -2.37 2.57
N LYS A 11 -6.86 -1.48 3.35
CA LYS A 11 -5.78 -0.60 2.83
C LYS A 11 -4.49 -1.41 2.72
N TRP A 12 -4.35 -2.41 3.53
CA TRP A 12 -3.11 -3.24 3.47
C TRP A 12 -3.21 -4.22 2.30
N LYS A 13 -4.31 -4.91 2.20
CA LYS A 13 -4.48 -5.89 1.08
C LYS A 13 -4.35 -5.15 -0.24
N VAL A 14 -4.73 -3.90 -0.27
CA VAL A 14 -4.62 -3.11 -1.53
C VAL A 14 -3.19 -2.60 -1.65
N PHE A 15 -2.57 -2.30 -0.54
CA PHE A 15 -1.18 -1.79 -0.58
C PHE A 15 -0.26 -2.85 -1.17
N LYS A 16 -0.52 -4.10 -0.88
CA LYS A 16 0.31 -5.19 -1.42
C LYS A 16 0.21 -5.20 -2.95
N LYS A 17 -0.91 -4.81 -3.46
CA LYS A 17 -1.09 -4.79 -4.94
C LYS A 17 -0.24 -3.67 -5.53
N ILE A 18 -0.28 -2.52 -4.93
CA ILE A 18 0.53 -1.37 -5.44
C ILE A 18 2.00 -1.58 -5.08
N GLU A 19 2.26 -2.28 -4.02
CA GLU A 19 3.68 -2.52 -3.64
C GLU A 19 4.39 -3.15 -4.82
N LYS A 20 3.75 -4.07 -5.48
CA LYS A 20 4.37 -4.73 -6.65
C LYS A 20 4.36 -3.76 -7.83
N ALA A 21 3.49 -2.79 -7.78
CA ALA A 21 3.41 -1.80 -8.88
C ALA A 21 4.22 -0.56 -8.48
N GLY A 22 4.68 -0.51 -7.26
CA GLY A 22 5.49 0.66 -6.82
C GLY A 22 6.89 0.19 -6.43
N PRO A 23 7.76 0.14 -7.40
CA PRO A 23 9.15 -0.30 -7.20
C PRO A 23 9.99 0.84 -6.61
N LYS A 24 9.47 1.53 -5.63
CA LYS A 24 10.25 2.64 -5.02
C LYS A 24 11.42 2.07 -4.22
N TRP A 25 11.43 0.78 -4.01
CA TRP A 25 12.54 0.17 -3.24
C TRP A 25 13.84 0.27 -4.04
N LYS A 26 13.73 0.59 -5.31
CA LYS A 26 14.95 0.71 -6.15
C LYS A 26 15.56 2.10 -5.94
N VAL A 27 14.81 3.01 -5.38
CA VAL A 27 15.35 4.38 -5.15
C VAL A 27 16.28 4.35 -3.94
N PHE A 28 16.00 3.51 -2.98
CA PHE A 28 16.87 3.42 -1.78
C PHE A 28 18.19 2.76 -2.17
N LYS A 29 18.15 1.87 -3.12
CA LYS A 29 19.40 1.19 -3.55
C LYS A 29 20.20 2.13 -4.44
N LYS A 30 19.54 2.95 -5.20
CA LYS A 30 20.25 3.90 -6.10
C LYS A 30 21.16 4.80 -5.25
N ILE A 31 20.78 5.06 -4.05
CA ILE A 31 21.61 5.92 -3.17
C ILE A 31 22.87 5.15 -2.76
N GLU A 32 22.73 3.88 -2.52
CA GLU A 32 23.90 3.07 -2.13
C GLU A 32 24.85 2.93 -3.32
N LYS A 33 24.32 2.98 -4.51
CA LYS A 33 25.19 2.86 -5.72
C LYS A 33 25.92 4.17 -5.94
N LYS A 1 -15.91 5.37 14.98
CA LYS A 1 -16.44 4.15 14.32
C LYS A 1 -15.36 3.07 14.31
N TRP A 2 -15.65 1.94 14.91
CA TRP A 2 -14.63 0.84 14.94
C TRP A 2 -14.39 0.35 13.52
N LYS A 3 -15.20 0.75 12.59
CA LYS A 3 -15.02 0.31 11.18
C LYS A 3 -13.66 0.81 10.68
N VAL A 4 -13.16 1.86 11.26
CA VAL A 4 -11.84 2.40 10.82
C VAL A 4 -10.84 1.25 10.71
N PHE A 5 -10.95 0.28 11.57
CA PHE A 5 -10.00 -0.87 11.51
C PHE A 5 -10.22 -1.63 10.22
N LYS A 6 -11.42 -1.61 9.69
CA LYS A 6 -11.69 -2.32 8.43
C LYS A 6 -10.91 -1.63 7.32
N LYS A 7 -10.77 -0.34 7.42
CA LYS A 7 -10.01 0.40 6.38
C LYS A 7 -8.54 0.05 6.53
N ILE A 8 -8.13 -0.22 7.73
CA ILE A 8 -6.71 -0.60 7.97
C ILE A 8 -6.53 -2.03 7.48
N GLU A 9 -7.55 -2.81 7.62
CA GLU A 9 -7.49 -4.23 7.18
C GLU A 9 -7.36 -4.27 5.65
N LYS A 10 -8.15 -3.48 4.98
CA LYS A 10 -8.07 -3.46 3.49
C LYS A 10 -6.89 -2.61 3.05
N LYS A 11 -6.38 -1.80 3.93
CA LYS A 11 -5.21 -0.94 3.57
C LYS A 11 -3.97 -1.82 3.38
N TRP A 12 -3.92 -2.92 4.06
CA TRP A 12 -2.75 -3.83 3.92
C TRP A 12 -2.83 -4.56 2.59
N LYS A 13 -3.89 -5.27 2.37
CA LYS A 13 -4.05 -6.01 1.08
C LYS A 13 -3.96 -5.02 -0.08
N VAL A 14 -4.19 -3.77 0.19
CA VAL A 14 -4.10 -2.74 -0.88
C VAL A 14 -2.65 -2.30 -1.04
N PHE A 15 -1.96 -2.17 0.05
CA PHE A 15 -0.53 -1.76 -0.01
C PHE A 15 0.27 -2.78 -0.80
N LYS A 16 -0.05 -4.03 -0.66
CA LYS A 16 0.69 -5.08 -1.39
C LYS A 16 0.40 -4.94 -2.89
N LYS A 17 -0.71 -4.36 -3.23
CA LYS A 17 -1.06 -4.18 -4.67
C LYS A 17 -0.13 -3.13 -5.29
N ILE A 18 0.19 -2.12 -4.53
CA ILE A 18 1.09 -1.06 -5.06
C ILE A 18 2.46 -1.66 -5.34
N GLU A 19 2.95 -2.46 -4.46
CA GLU A 19 4.28 -3.08 -4.68
C GLU A 19 4.29 -3.69 -6.07
N LYS A 20 3.20 -4.29 -6.46
CA LYS A 20 3.12 -4.90 -7.81
C LYS A 20 3.04 -3.78 -8.85
N ALA A 21 2.58 -2.64 -8.45
CA ALA A 21 2.48 -1.50 -9.41
C ALA A 21 3.70 -0.59 -9.23
N GLY A 22 4.50 -0.85 -8.23
CA GLY A 22 5.72 -0.01 -8.02
C GLY A 22 5.38 1.12 -7.04
N PRO A 23 6.35 1.47 -6.23
CA PRO A 23 6.19 2.53 -5.23
C PRO A 23 6.35 3.91 -5.89
N LYS A 24 6.46 3.94 -7.20
CA LYS A 24 6.61 5.24 -7.90
C LYS A 24 5.39 6.13 -7.62
N TRP A 25 4.35 5.56 -7.09
CA TRP A 25 3.14 6.39 -6.78
C TRP A 25 3.51 7.51 -5.81
N LYS A 26 4.65 7.42 -5.19
CA LYS A 26 5.06 8.47 -4.22
C LYS A 26 5.95 9.51 -4.93
N VAL A 27 5.91 9.52 -6.25
CA VAL A 27 6.75 10.51 -6.99
C VAL A 27 6.09 11.89 -6.94
N PHE A 28 4.80 11.93 -6.91
CA PHE A 28 4.09 13.24 -6.85
C PHE A 28 4.24 13.84 -5.45
N LYS A 29 4.39 13.01 -4.46
CA LYS A 29 4.55 13.52 -3.07
C LYS A 29 5.97 14.02 -2.85
N LYS A 30 6.90 13.54 -3.62
CA LYS A 30 8.31 13.96 -3.45
C LYS A 30 8.43 15.47 -3.68
N ILE A 31 7.60 16.02 -4.51
CA ILE A 31 7.65 17.49 -4.77
C ILE A 31 7.28 18.25 -3.51
N GLU A 32 6.36 17.72 -2.75
CA GLU A 32 5.94 18.41 -1.49
C GLU A 32 7.15 18.60 -0.58
N LYS A 33 8.11 17.72 -0.68
CA LYS A 33 9.32 17.83 0.18
C LYS A 33 10.50 18.35 -0.65
N LYS A 1 -13.96 1.48 18.98
CA LYS A 1 -14.46 0.65 17.85
C LYS A 1 -13.27 0.07 17.08
N TRP A 2 -12.94 -1.16 17.34
CA TRP A 2 -11.79 -1.78 16.62
C TRP A 2 -12.17 -2.01 15.16
N LYS A 3 -13.42 -1.86 14.82
CA LYS A 3 -13.85 -2.06 13.41
C LYS A 3 -13.12 -1.06 12.51
N VAL A 4 -12.68 0.03 13.06
CA VAL A 4 -11.96 1.04 12.25
C VAL A 4 -10.76 0.37 11.57
N PHE A 5 -10.19 -0.60 12.20
CA PHE A 5 -9.02 -1.31 11.59
C PHE A 5 -9.42 -1.91 10.25
N LYS A 6 -10.67 -2.25 10.10
CA LYS A 6 -11.12 -2.85 8.82
C LYS A 6 -10.80 -1.89 7.68
N LYS A 7 -10.93 -0.63 7.91
CA LYS A 7 -10.61 0.35 6.85
C LYS A 7 -9.11 0.33 6.64
N ILE A 8 -8.38 0.08 7.68
CA ILE A 8 -6.91 -0.01 7.57
C ILE A 8 -6.56 -1.32 6.89
N GLU A 9 -7.35 -2.31 7.14
CA GLU A 9 -7.12 -3.65 6.53
C GLU A 9 -7.21 -3.53 5.01
N LYS A 10 -8.28 -2.97 4.52
CA LYS A 10 -8.43 -2.82 3.06
C LYS A 10 -7.32 -1.93 2.52
N LYS A 11 -6.79 -1.08 3.36
CA LYS A 11 -5.69 -0.18 2.92
C LYS A 11 -4.39 -0.99 2.83
N TRP A 12 -4.29 -2.02 3.61
CA TRP A 12 -3.06 -2.86 3.57
C TRP A 12 -3.15 -3.83 2.39
N LYS A 13 -4.23 -4.54 2.30
CA LYS A 13 -4.40 -5.52 1.19
C LYS A 13 -4.30 -4.78 -0.14
N VAL A 14 -4.69 -3.53 -0.16
CA VAL A 14 -4.60 -2.75 -1.42
C VAL A 14 -3.18 -2.21 -1.58
N PHE A 15 -2.54 -1.91 -0.49
CA PHE A 15 -1.15 -1.39 -0.55
C PHE A 15 -0.24 -2.47 -1.13
N LYS A 16 -0.50 -3.70 -0.79
CA LYS A 16 0.34 -4.81 -1.31
C LYS A 16 0.18 -4.89 -2.83
N LYS A 17 -0.91 -4.39 -3.33
CA LYS A 17 -1.14 -4.42 -4.80
C LYS A 17 -0.13 -3.52 -5.50
N ILE A 18 0.14 -2.39 -4.92
CA ILE A 18 1.12 -1.44 -5.53
C ILE A 18 2.53 -1.98 -5.32
N GLU A 19 2.74 -2.74 -4.30
CA GLU A 19 4.10 -3.29 -4.05
C GLU A 19 4.56 -4.01 -5.33
N LYS A 20 3.69 -4.75 -5.93
CA LYS A 20 4.05 -5.47 -7.18
C LYS A 20 4.16 -4.46 -8.32
N ALA A 21 3.52 -3.34 -8.17
CA ALA A 21 3.59 -2.30 -9.24
C ALA A 21 4.66 -1.27 -8.87
N GLY A 22 5.20 -1.36 -7.69
CA GLY A 22 6.26 -0.39 -7.28
C GLY A 22 5.79 1.03 -7.54
N PRO A 23 6.64 1.98 -7.26
CA PRO A 23 6.35 3.41 -7.47
C PRO A 23 6.49 3.77 -8.96
N LYS A 24 6.74 2.79 -9.78
CA LYS A 24 6.88 3.07 -11.24
C LYS A 24 5.58 3.68 -11.78
N TRP A 25 4.52 3.60 -11.02
CA TRP A 25 3.23 4.17 -11.49
C TRP A 25 3.40 5.65 -11.81
N LYS A 26 4.44 6.26 -11.30
CA LYS A 26 4.67 7.70 -11.57
C LYS A 26 4.98 7.90 -13.06
N VAL A 27 5.47 6.88 -13.70
CA VAL A 27 5.79 7.01 -15.15
C VAL A 27 4.51 6.88 -15.97
N PHE A 28 3.58 6.10 -15.49
CA PHE A 28 2.29 5.91 -16.22
C PHE A 28 1.62 7.26 -16.43
N LYS A 29 1.86 8.20 -15.55
CA LYS A 29 1.22 9.53 -15.69
C LYS A 29 1.59 10.14 -17.05
N LYS A 30 2.73 9.80 -17.57
CA LYS A 30 3.16 10.35 -18.89
C LYS A 30 2.14 9.94 -19.96
N ILE A 31 1.53 8.80 -19.78
CA ILE A 31 0.53 8.33 -20.78
C ILE A 31 -0.66 9.29 -20.77
N GLU A 32 -1.03 9.76 -19.63
CA GLU A 32 -2.18 10.70 -19.54
C GLU A 32 -1.80 12.04 -20.18
N LYS A 33 -0.54 12.37 -20.15
CA LYS A 33 -0.09 13.65 -20.75
C LYS A 33 0.22 13.45 -22.23
N LYS A 1 -16.59 2.44 16.62
CA LYS A 1 -16.56 0.96 16.58
C LYS A 1 -15.18 0.48 16.11
N TRP A 2 -14.72 -0.61 16.64
CA TRP A 2 -13.38 -1.12 16.23
C TRP A 2 -13.41 -1.51 14.75
N LYS A 3 -14.57 -1.54 14.16
CA LYS A 3 -14.66 -1.90 12.71
C LYS A 3 -13.73 -1.00 11.90
N VAL A 4 -13.43 0.16 12.42
CA VAL A 4 -12.52 1.09 11.68
C VAL A 4 -11.27 0.34 11.26
N PHE A 5 -10.86 -0.63 12.04
CA PHE A 5 -9.64 -1.41 11.68
C PHE A 5 -9.83 -2.06 10.31
N LYS A 6 -11.05 -2.34 9.96
CA LYS A 6 -11.30 -2.97 8.63
C LYS A 6 -10.83 -2.01 7.54
N LYS A 7 -10.99 -0.74 7.76
CA LYS A 7 -10.54 0.25 6.75
C LYS A 7 -9.02 0.23 6.73
N ILE A 8 -8.43 -0.02 7.86
CA ILE A 8 -6.95 -0.08 7.92
C ILE A 8 -6.52 -1.38 7.28
N GLU A 9 -7.31 -2.39 7.43
CA GLU A 9 -6.99 -3.71 6.83
C GLU A 9 -7.06 -3.59 5.31
N LYS A 10 -8.03 -2.89 4.81
CA LYS A 10 -8.16 -2.73 3.34
C LYS A 10 -7.00 -1.88 2.83
N LYS A 11 -6.47 -1.03 3.67
CA LYS A 11 -5.33 -0.17 3.24
C LYS A 11 -4.09 -1.05 3.12
N TRP A 12 -4.03 -2.10 3.90
CA TRP A 12 -2.85 -3.01 3.83
C TRP A 12 -2.92 -3.80 2.52
N LYS A 13 -3.98 -4.51 2.32
CA LYS A 13 -4.13 -5.31 1.07
C LYS A 13 -4.03 -4.37 -0.13
N VAL A 14 -4.37 -3.12 0.06
CA VAL A 14 -4.29 -2.14 -1.06
C VAL A 14 -2.82 -1.79 -1.30
N PHE A 15 -2.08 -1.63 -0.25
CA PHE A 15 -0.64 -1.29 -0.41
C PHE A 15 0.08 -2.46 -1.06
N LYS A 16 -0.33 -3.65 -0.75
CA LYS A 16 0.32 -4.85 -1.34
C LYS A 16 0.08 -4.86 -2.86
N LYS A 17 -0.95 -4.20 -3.30
CA LYS A 17 -1.24 -4.17 -4.77
C LYS A 17 -0.18 -3.34 -5.49
N ILE A 18 0.30 -2.31 -4.86
CA ILE A 18 1.34 -1.45 -5.50
C ILE A 18 2.68 -2.17 -5.46
N GLU A 19 2.88 -3.02 -4.51
CA GLU A 19 4.17 -3.76 -4.45
C GLU A 19 4.44 -4.40 -5.80
N LYS A 20 3.43 -5.01 -6.37
CA LYS A 20 3.62 -5.65 -7.70
C LYS A 20 3.64 -4.57 -8.77
N ALA A 21 3.13 -3.41 -8.46
CA ALA A 21 3.14 -2.29 -9.45
C ALA A 21 4.34 -1.40 -9.19
N GLY A 22 5.07 -1.65 -8.14
CA GLY A 22 6.26 -0.81 -7.83
C GLY A 22 7.45 -1.72 -7.50
N PRO A 23 7.89 -2.46 -8.49
CA PRO A 23 9.02 -3.39 -8.35
C PRO A 23 10.35 -2.62 -8.39
N LYS A 24 10.30 -1.32 -8.42
CA LYS A 24 11.55 -0.52 -8.46
C LYS A 24 12.47 -0.94 -7.31
N TRP A 25 11.92 -1.57 -6.31
CA TRP A 25 12.77 -2.01 -5.16
C TRP A 25 13.24 -3.45 -5.40
N LYS A 26 12.73 -4.09 -6.41
CA LYS A 26 13.15 -5.49 -6.70
C LYS A 26 14.02 -5.51 -7.96
N VAL A 27 14.25 -4.38 -8.56
CA VAL A 27 15.09 -4.35 -9.79
C VAL A 27 16.46 -4.94 -9.49
N PHE A 28 16.94 -4.76 -8.29
CA PHE A 28 18.26 -5.32 -7.91
C PHE A 28 18.14 -6.82 -7.69
N LYS A 29 16.97 -7.27 -7.32
CA LYS A 29 16.77 -8.73 -7.08
C LYS A 29 16.90 -9.48 -8.40
N LYS A 30 16.69 -8.80 -9.50
CA LYS A 30 16.80 -9.46 -10.82
C LYS A 30 18.20 -10.06 -10.98
N ILE A 31 19.17 -9.46 -10.36
CA ILE A 31 20.56 -9.99 -10.47
C ILE A 31 20.63 -11.36 -9.78
N GLU A 32 19.98 -11.48 -8.66
CA GLU A 32 19.99 -12.77 -7.92
C GLU A 32 19.21 -13.82 -8.72
N LYS A 33 18.25 -13.39 -9.48
CA LYS A 33 17.44 -14.34 -10.28
C LYS A 33 18.16 -14.64 -11.59
N LYS A 1 -12.19 1.87 16.03
CA LYS A 1 -13.52 1.45 16.55
C LYS A 1 -13.84 0.05 16.03
N TRP A 2 -12.96 -0.89 16.24
CA TRP A 2 -13.21 -2.28 15.75
C TRP A 2 -13.47 -2.24 14.24
N LYS A 3 -14.68 -1.98 13.86
CA LYS A 3 -15.00 -1.93 12.40
C LYS A 3 -14.09 -0.91 11.71
N VAL A 4 -13.59 0.04 12.45
CA VAL A 4 -12.70 1.06 11.85
C VAL A 4 -11.41 0.40 11.37
N PHE A 5 -10.99 -0.63 12.04
CA PHE A 5 -9.74 -1.33 11.64
C PHE A 5 -9.92 -1.92 10.24
N LYS A 6 -11.12 -2.24 9.87
CA LYS A 6 -11.35 -2.81 8.52
C LYS A 6 -10.81 -1.84 7.47
N LYS A 7 -10.92 -0.57 7.73
CA LYS A 7 -10.39 0.42 6.75
C LYS A 7 -8.87 0.33 6.76
N ILE A 8 -8.32 0.02 7.89
CA ILE A 8 -6.84 -0.13 7.98
C ILE A 8 -6.47 -1.45 7.34
N GLU A 9 -7.34 -2.42 7.48
CA GLU A 9 -7.08 -3.75 6.88
C GLU A 9 -7.11 -3.63 5.36
N LYS A 10 -7.96 -2.79 4.85
CA LYS A 10 -8.04 -2.61 3.37
C LYS A 10 -6.84 -1.81 2.88
N LYS A 11 -6.29 -0.99 3.72
CA LYS A 11 -5.10 -0.18 3.31
C LYS A 11 -3.89 -1.10 3.18
N TRP A 12 -3.87 -2.16 3.94
CA TRP A 12 -2.73 -3.11 3.88
C TRP A 12 -2.79 -3.90 2.57
N LYS A 13 -3.90 -4.53 2.33
CA LYS A 13 -4.05 -5.34 1.07
C LYS A 13 -3.84 -4.43 -0.14
N VAL A 14 -4.48 -3.29 -0.15
CA VAL A 14 -4.31 -2.37 -1.30
C VAL A 14 -2.84 -1.99 -1.43
N PHE A 15 -2.15 -1.90 -0.33
CA PHE A 15 -0.70 -1.55 -0.39
C PHE A 15 0.07 -2.66 -1.08
N LYS A 16 -0.33 -3.88 -0.86
CA LYS A 16 0.37 -5.03 -1.50
C LYS A 16 0.11 -5.00 -3.00
N LYS A 17 -0.96 -4.37 -3.40
CA LYS A 17 -1.29 -4.29 -4.86
C LYS A 17 -0.28 -3.38 -5.55
N ILE A 18 0.09 -2.30 -4.91
CA ILE A 18 1.06 -1.36 -5.53
C ILE A 18 2.47 -1.96 -5.45
N GLU A 19 2.71 -2.79 -4.48
CA GLU A 19 4.06 -3.40 -4.37
C GLU A 19 4.38 -4.13 -5.67
N LYS A 20 3.41 -4.81 -6.20
CA LYS A 20 3.63 -5.55 -7.48
C LYS A 20 3.73 -4.53 -8.63
N ALA A 21 3.16 -3.38 -8.45
CA ALA A 21 3.22 -2.33 -9.50
C ALA A 21 4.36 -1.37 -9.18
N GLY A 22 4.96 -1.49 -8.03
CA GLY A 22 6.06 -0.57 -7.66
C GLY A 22 7.37 -1.36 -7.53
N PRO A 23 8.01 -1.57 -8.66
CA PRO A 23 9.28 -2.30 -8.72
C PRO A 23 10.44 -1.41 -8.27
N LYS A 24 10.19 -0.15 -8.10
CA LYS A 24 11.27 0.78 -7.66
C LYS A 24 11.71 0.40 -6.24
N TRP A 25 10.98 -0.47 -5.59
CA TRP A 25 11.36 -0.88 -4.21
C TRP A 25 12.38 -2.02 -4.28
N LYS A 26 12.56 -2.59 -5.44
CA LYS A 26 13.54 -3.71 -5.57
C LYS A 26 14.73 -3.24 -6.42
N VAL A 27 14.62 -2.09 -7.04
CA VAL A 27 15.73 -1.60 -7.89
C VAL A 27 16.96 -1.37 -7.00
N PHE A 28 16.76 -1.00 -5.77
CA PHE A 28 17.91 -0.77 -4.86
C PHE A 28 18.72 -2.05 -4.73
N LYS A 29 18.08 -3.18 -4.85
CA LYS A 29 18.80 -4.48 -4.74
C LYS A 29 19.53 -4.77 -6.05
N LYS A 30 19.07 -4.20 -7.13
CA LYS A 30 19.71 -4.45 -8.44
C LYS A 30 21.20 -4.07 -8.38
N ILE A 31 21.53 -3.08 -7.59
CA ILE A 31 22.95 -2.66 -7.49
C ILE A 31 23.74 -3.72 -6.72
N GLU A 32 23.13 -4.33 -5.75
CA GLU A 32 23.84 -5.38 -4.96
C GLU A 32 24.07 -6.60 -5.83
N LYS A 33 23.22 -6.83 -6.80
CA LYS A 33 23.38 -8.01 -7.69
C LYS A 33 24.17 -7.60 -8.93
N LYS A 1 -13.82 3.03 17.82
CA LYS A 1 -14.53 2.10 16.90
C LYS A 1 -13.52 1.16 16.24
N TRP A 2 -13.47 -0.07 16.66
CA TRP A 2 -12.50 -1.03 16.04
C TRP A 2 -12.83 -1.20 14.56
N LYS A 3 -13.99 -0.76 14.15
CA LYS A 3 -14.38 -0.89 12.71
C LYS A 3 -13.40 -0.10 11.86
N VAL A 4 -12.79 0.91 12.42
CA VAL A 4 -11.82 1.73 11.65
C VAL A 4 -10.65 0.85 11.20
N PHE A 5 -10.31 -0.14 11.99
CA PHE A 5 -9.18 -1.04 11.62
C PHE A 5 -9.54 -1.78 10.35
N LYS A 6 -10.80 -2.02 10.12
CA LYS A 6 -11.20 -2.73 8.88
C LYS A 6 -10.79 -1.90 7.68
N LYS A 7 -10.86 -0.61 7.81
CA LYS A 7 -10.45 0.27 6.69
C LYS A 7 -8.94 0.17 6.55
N ILE A 8 -8.27 -0.04 7.65
CA ILE A 8 -6.80 -0.17 7.62
C ILE A 8 -6.49 -1.54 7.03
N GLU A 9 -7.33 -2.49 7.30
CA GLU A 9 -7.12 -3.86 6.77
C GLU A 9 -7.27 -3.85 5.26
N LYS A 10 -8.29 -3.18 4.78
CA LYS A 10 -8.50 -3.10 3.31
C LYS A 10 -7.39 -2.25 2.68
N LYS A 11 -6.78 -1.40 3.46
CA LYS A 11 -5.69 -0.54 2.93
C LYS A 11 -4.43 -1.37 2.80
N TRP A 12 -4.30 -2.38 3.61
CA TRP A 12 -3.09 -3.26 3.53
C TRP A 12 -3.19 -4.14 2.29
N LYS A 13 -4.30 -4.77 2.10
CA LYS A 13 -4.46 -5.65 0.91
C LYS A 13 -4.22 -4.84 -0.35
N VAL A 14 -4.58 -3.59 -0.33
CA VAL A 14 -4.37 -2.73 -1.51
C VAL A 14 -2.92 -2.26 -1.53
N PHE A 15 -2.35 -2.06 -0.37
CA PHE A 15 -0.94 -1.60 -0.30
C PHE A 15 -0.04 -2.68 -0.89
N LYS A 16 -0.38 -3.92 -0.67
CA LYS A 16 0.46 -5.03 -1.21
C LYS A 16 0.33 -5.04 -2.73
N LYS A 17 -0.78 -4.57 -3.24
CA LYS A 17 -0.96 -4.53 -4.71
C LYS A 17 -0.04 -3.47 -5.32
N ILE A 18 0.17 -2.41 -4.61
CA ILE A 18 1.07 -1.33 -5.12
C ILE A 18 2.50 -1.84 -5.15
N GLU A 19 2.88 -2.60 -4.19
CA GLU A 19 4.26 -3.14 -4.18
C GLU A 19 4.54 -3.79 -5.53
N LYS A 20 3.57 -4.48 -6.06
CA LYS A 20 3.75 -5.13 -7.38
C LYS A 20 3.75 -4.06 -8.47
N ALA A 21 3.14 -2.94 -8.19
CA ALA A 21 3.11 -1.84 -9.20
C ALA A 21 4.22 -0.85 -8.88
N GLY A 22 4.88 -1.02 -7.76
CA GLY A 22 5.98 -0.09 -7.39
C GLY A 22 7.30 -0.86 -7.34
N PRO A 23 8.08 -0.72 -8.38
CA PRO A 23 9.39 -1.41 -8.48
C PRO A 23 10.44 -0.69 -7.63
N LYS A 24 10.04 0.28 -6.85
CA LYS A 24 11.02 1.00 -6.01
C LYS A 24 11.75 0.01 -5.10
N TRP A 25 11.21 -1.17 -4.95
CA TRP A 25 11.87 -2.19 -4.08
C TRP A 25 13.25 -2.49 -4.63
N LYS A 26 13.46 -2.31 -5.90
CA LYS A 26 14.80 -2.58 -6.49
C LYS A 26 15.68 -1.36 -6.30
N VAL A 27 15.09 -0.23 -6.01
CA VAL A 27 15.89 1.00 -5.81
C VAL A 27 16.49 0.98 -4.40
N PHE A 28 15.80 0.40 -3.46
CA PHE A 28 16.32 0.34 -2.07
C PHE A 28 17.64 -0.43 -2.06
N LYS A 29 17.83 -1.32 -2.98
CA LYS A 29 19.10 -2.11 -3.01
C LYS A 29 20.28 -1.15 -3.11
N LYS A 30 20.06 0.03 -3.60
CA LYS A 30 21.18 1.01 -3.74
C LYS A 30 21.80 1.26 -2.36
N ILE A 31 21.03 1.16 -1.33
CA ILE A 31 21.58 1.40 0.03
C ILE A 31 22.49 0.23 0.42
N GLU A 32 22.12 -0.96 0.04
CA GLU A 32 22.96 -2.14 0.39
C GLU A 32 24.37 -1.96 -0.19
N LYS A 33 24.48 -1.25 -1.27
CA LYS A 33 25.81 -1.03 -1.89
C LYS A 33 26.29 0.39 -1.55
N LYS A 1 -15.28 2.63 17.41
CA LYS A 1 -15.83 1.60 16.48
C LYS A 1 -14.69 0.78 15.89
N TRP A 2 -14.62 -0.49 16.22
CA TRP A 2 -13.52 -1.34 15.69
C TRP A 2 -13.71 -1.53 14.18
N LYS A 3 -14.81 -1.07 13.64
CA LYS A 3 -15.04 -1.22 12.17
C LYS A 3 -13.99 -0.40 11.42
N VAL A 4 -13.47 0.61 12.05
CA VAL A 4 -12.44 1.46 11.39
C VAL A 4 -11.24 0.58 10.99
N PHE A 5 -10.98 -0.43 11.76
CA PHE A 5 -9.84 -1.34 11.43
C PHE A 5 -10.02 -1.90 10.03
N LYS A 6 -11.24 -2.02 9.59
CA LYS A 6 -11.48 -2.57 8.23
C LYS A 6 -10.73 -1.72 7.21
N LYS A 7 -10.68 -0.44 7.42
CA LYS A 7 -9.94 0.43 6.47
C LYS A 7 -8.45 0.13 6.62
N ILE A 8 -8.06 -0.23 7.80
CA ILE A 8 -6.63 -0.57 8.04
C ILE A 8 -6.38 -1.94 7.43
N GLU A 9 -7.36 -2.79 7.47
CA GLU A 9 -7.22 -4.15 6.89
C GLU A 9 -7.06 -4.03 5.39
N LYS A 10 -7.83 -3.20 4.77
CA LYS A 10 -7.74 -3.02 3.30
C LYS A 10 -6.57 -2.09 2.96
N LYS A 11 -6.17 -1.28 3.90
CA LYS A 11 -5.03 -0.35 3.64
C LYS A 11 -3.78 -1.17 3.37
N TRP A 12 -3.70 -2.34 3.93
CA TRP A 12 -2.51 -3.20 3.70
C TRP A 12 -2.73 -4.00 2.42
N LYS A 13 -3.85 -4.64 2.31
CA LYS A 13 -4.14 -5.45 1.09
C LYS A 13 -4.09 -4.54 -0.13
N VAL A 14 -4.42 -3.29 0.05
CA VAL A 14 -4.37 -2.33 -1.09
C VAL A 14 -2.94 -1.87 -1.29
N PHE A 15 -2.20 -1.74 -0.22
CA PHE A 15 -0.79 -1.30 -0.33
C PHE A 15 0.01 -2.41 -1.01
N LYS A 16 -0.32 -3.63 -0.73
CA LYS A 16 0.41 -4.77 -1.36
C LYS A 16 0.10 -4.78 -2.86
N LYS A 17 -1.01 -4.20 -3.25
CA LYS A 17 -1.37 -4.17 -4.69
C LYS A 17 -0.39 -3.26 -5.43
N ILE A 18 -0.04 -2.17 -4.83
CA ILE A 18 0.93 -1.24 -5.49
C ILE A 18 2.33 -1.81 -5.40
N GLU A 19 2.59 -2.59 -4.39
CA GLU A 19 3.93 -3.19 -4.26
C GLU A 19 4.21 -4.01 -5.52
N LYS A 20 3.22 -4.71 -5.99
CA LYS A 20 3.39 -5.51 -7.23
C LYS A 20 3.43 -4.58 -8.42
N ALA A 21 2.88 -3.41 -8.28
CA ALA A 21 2.88 -2.43 -9.40
C ALA A 21 4.06 -1.47 -9.21
N GLY A 22 4.73 -1.55 -8.09
CA GLY A 22 5.89 -0.64 -7.85
C GLY A 22 5.49 0.48 -6.89
N PRO A 23 6.46 1.05 -6.24
CA PRO A 23 6.25 2.15 -5.29
C PRO A 23 6.03 3.47 -6.02
N LYS A 24 6.23 3.48 -7.31
CA LYS A 24 6.02 4.74 -8.08
C LYS A 24 4.59 5.22 -7.87
N TRP A 25 3.72 4.37 -7.41
CA TRP A 25 2.31 4.77 -7.18
C TRP A 25 2.15 5.29 -5.75
N LYS A 26 3.18 5.19 -4.96
CA LYS A 26 3.09 5.69 -3.55
C LYS A 26 4.07 6.85 -3.35
N VAL A 27 4.97 7.03 -4.28
CA VAL A 27 5.95 8.15 -4.16
C VAL A 27 5.21 9.48 -4.24
N PHE A 28 4.15 9.53 -4.99
CA PHE A 28 3.39 10.81 -5.12
C PHE A 28 2.65 11.09 -3.82
N LYS A 29 2.20 10.06 -3.16
CA LYS A 29 1.46 10.25 -1.88
C LYS A 29 2.47 10.52 -0.76
N LYS A 30 3.64 9.97 -0.88
CA LYS A 30 4.67 10.19 0.17
C LYS A 30 4.99 11.68 0.27
N ILE A 31 4.88 12.37 -0.83
CA ILE A 31 5.18 13.84 -0.82
C ILE A 31 4.18 14.56 0.06
N GLU A 32 2.94 14.11 0.05
CA GLU A 32 1.90 14.76 0.89
C GLU A 32 2.18 14.47 2.36
N LYS A 33 2.81 13.37 2.65
CA LYS A 33 3.12 13.02 4.06
C LYS A 33 4.61 13.23 4.33
#